data_8PJK
#
_entry.id   8PJK
#
loop_
_entity.id
_entity.type
_entity.pdbx_description
1 polymer 'Guanine nucleotide-binding protein G(i) subunit alpha-1'
2 polymer 'Guanine nucleotide-binding protein G(I)/G(S)/G(T) subunit beta-1'
3 polymer 'Guanine nucleotide-binding protein G(I)/G(S)/G(O) subunit gamma-2'
4 polymer '5-hydroxytryptamine receptor 1A'
5 non-polymer CHOLESTEROL
6 non-polymer 6-[3-[2-(2-methoxyphenoxy)ethylamino]propoxy]-4~{H}-1,4-benzoxazin-3-one
7 non-polymer '(2R)-1-(heptadecanoyloxy)-3-{[(R)-hydroxy{[(1R,2R,3R,4R,5S,6R)-2,3,5,6-tetrahydroxy-4-(phosphonooxy)cyclohexyl]oxy}phosphoryl]oxy}propan-2-yl (5Z,8Z,11Z,14Z)-icosa-5,8,11,14-tetraenoate'
8 water water
#
loop_
_entity_poly.entity_id
_entity_poly.type
_entity_poly.pdbx_seq_one_letter_code
_entity_poly.pdbx_strand_id
1 'polypeptide(L)'
;MGCTLSAEDKAAVERSKMIDRNLREDGEKAAREVKLLLLGAGESGKNTIVKQMKIIHEAGYSEEECKQYKAVVYSNTIQS
IIAIIRAMGRLKIDFGDSARADDARQLFVLAGAAEEGFMTAELAGVIKRLWKDSGVQACFNRSREYQLNDSAAYYLNDLD
RIAQPNYIPTQQDVLRTRVKTTGIVETHFTFKDLHFKMFDVGAQRSERKKWIHCFEGVTAIIFCVALSDYDLVLAEDEEM
NRMHASMKLFDSICNNKWFTDTSIILFLNKKDLFEEKIKKSPLTICYPEYAGSNTYEEAAAYIQCQFEDLNKRKDTKEIY
THFTCSTDTKNVQFVFDAVTDVIIKNNLKDCGLF
;
A
2 'polypeptide(L)'
;MHHHHHHHHGSSGSELDQLRQEAEQLKNQIRDARKACADATLSQITNNIDPVGRIQMRTRRTLRGHLAKIYAMHWGTDSR
LLVSASQDGKLIIWDSYTTNKVHAIPLRSSWVMTCAYAPSGNYVACGGLDNICSIYNLKTREGNVRVSRELAGHTGYLSC
CRFLDDNQIVTSSGDTTCALWDIETGQQTTTFTGHTGDVMSLSLAPDTRLFVSGACDASAKLWDVREGMCRQTFTGHESD
INAICFFPNGNAFATGSDDATCRLFDLRADQELMTYSHDNIICGITSVSFSKSGRLLLAGYDDFNCNVWDALKADRAGVL
AGHDNRVSCLGVTDDGMAVATGSWDSFLKIWN
;
B
3 'polypeptide(L)' MASNNTASIAQARKLVEQLKMEANIDRIKVSKAAADLMAYCEAHAKEDPLLTPVPASENPFREKKFFCAIL G
4 'polypeptide(L)'
;MKTIIALSYIFCLVFADYKDDDDAAAAHHHHHHHHHHENLYFQGMDVLSPGQGNNTTSPPAPFETGGNTTGISDVTVSYQ
VITSLLLGTLIFCAVLGNACVVAAIALERSLQNVANYLIGSLAVTDLMVSVLVLPMAALYQVLNKWTLGQVTCDLFIALD
VLCCTSSIWHLCAIALDRYWAITDPIDYVNKRTPRRAAALISLTWLIGFLISIPPMLGWRTPEDRSDPDACTISKDHGYT
IYSTFGAFYIPLLLMLVLYGRIFRAARFRIRKTVKKVEKTGADTRHGASPAPQPKKSVNGESGSRNWRLGVESKAGGALC
ANGAVRQGDDGAALEVIEVHRVGNSKEHLPLPSEAGPTPCAPASFERKNERNAEAKRKMALARERKTVKTLGIIMGTFIL
CWLPFFIVALVLPFCESSCHMPTLLGAIINWLGYSNSLLNPVIYAYFNKDFQNAFKKIIKCKFCRQ
;
R
#
# COMPACT_ATOMS: atom_id res chain seq x y z
N LEU A 5 -16.06 -23.80 22.45
CA LEU A 5 -15.81 -24.94 23.32
C LEU A 5 -16.01 -24.55 24.78
N SER A 6 -14.93 -24.17 25.44
CA SER A 6 -15.02 -23.67 26.81
C SER A 6 -15.77 -22.34 26.81
N ALA A 7 -16.32 -21.99 27.98
CA ALA A 7 -17.06 -20.74 28.12
C ALA A 7 -16.14 -19.54 27.87
N GLU A 8 -14.93 -19.58 28.43
CA GLU A 8 -13.99 -18.49 28.22
C GLU A 8 -13.57 -18.39 26.76
N ASP A 9 -13.37 -19.53 26.10
CA ASP A 9 -13.02 -19.52 24.68
C ASP A 9 -14.15 -18.93 23.83
N LYS A 10 -15.39 -19.30 24.15
CA LYS A 10 -16.53 -18.75 23.42
C LYS A 10 -16.65 -17.25 23.64
N ALA A 11 -16.44 -16.80 24.88
CA ALA A 11 -16.47 -15.37 25.16
C ALA A 11 -15.37 -14.64 24.38
N ALA A 12 -14.18 -15.24 24.31
CA ALA A 12 -13.09 -14.65 23.53
C ALA A 12 -13.45 -14.56 22.06
N VAL A 13 -14.07 -15.60 21.52
CA VAL A 13 -14.46 -15.60 20.11
C VAL A 13 -15.50 -14.52 19.84
N GLU A 14 -16.49 -14.39 20.72
CA GLU A 14 -17.50 -13.36 20.54
C GLU A 14 -16.90 -11.96 20.65
N ARG A 15 -15.98 -11.76 21.60
CA ARG A 15 -15.28 -10.49 21.70
C ARG A 15 -14.52 -10.18 20.41
N SER A 16 -13.83 -11.19 19.86
CA SER A 16 -13.09 -10.98 18.63
C SER A 16 -14.02 -10.64 17.47
N LYS A 17 -15.19 -11.30 17.40
CA LYS A 17 -16.14 -11.00 16.33
C LYS A 17 -16.67 -9.58 16.44
N MET A 18 -16.99 -9.14 17.67
CA MET A 18 -17.43 -7.76 17.86
C MET A 18 -16.35 -6.77 17.46
N ILE A 19 -15.10 -7.06 17.83
CA ILE A 19 -13.99 -6.19 17.43
C ILE A 19 -13.85 -6.16 15.92
N ASP A 20 -14.03 -7.30 15.26
CA ASP A 20 -13.94 -7.35 13.80
C ASP A 20 -15.01 -6.48 13.16
N ARG A 21 -16.24 -6.55 13.65
CA ARG A 21 -17.31 -5.77 13.05
C ARG A 21 -17.10 -4.28 13.30
N ASN A 22 -16.62 -3.92 14.49
CA ASN A 22 -16.29 -2.52 14.74
C ASN A 22 -15.18 -2.04 13.82
N LEU A 23 -14.16 -2.88 13.59
CA LEU A 23 -13.06 -2.50 12.73
C LEU A 23 -13.52 -2.30 11.28
N ARG A 24 -14.37 -3.20 10.78
CA ARG A 24 -14.85 -3.02 9.41
C ARG A 24 -15.77 -1.82 9.29
N GLU A 25 -16.57 -1.53 10.33
CA GLU A 25 -17.39 -0.32 10.30
C GLU A 25 -16.52 0.94 10.29
N ASP A 26 -15.47 0.95 11.10
CA ASP A 26 -14.55 2.09 11.09
C ASP A 26 -13.85 2.24 9.75
N GLY A 27 -13.48 1.12 9.13
CA GLY A 27 -12.88 1.18 7.81
C GLY A 27 -13.83 1.74 6.77
N GLU A 28 -15.11 1.33 6.85
CA GLU A 28 -16.11 1.86 5.94
C GLU A 28 -16.28 3.36 6.13
N LYS A 29 -16.31 3.81 7.38
CA LYS A 29 -16.42 5.25 7.64
C LYS A 29 -15.21 6.01 7.11
N ALA A 30 -14.01 5.48 7.34
CA ALA A 30 -12.79 6.19 6.95
C ALA A 30 -12.55 6.13 5.44
N ALA A 31 -13.12 5.15 4.74
CA ALA A 31 -12.94 5.09 3.30
C ALA A 31 -13.65 6.23 2.58
N ARG A 32 -14.70 6.78 3.21
CA ARG A 32 -15.42 7.92 2.64
C ARG A 32 -14.76 9.24 3.03
N GLU A 33 -13.45 9.33 2.82
CA GLU A 33 -12.68 10.52 3.16
C GLU A 33 -11.67 10.77 2.05
N VAL A 34 -11.54 12.03 1.65
CA VAL A 34 -10.54 12.44 0.68
C VAL A 34 -9.33 12.96 1.44
N LYS A 35 -8.21 12.28 1.31
CA LYS A 35 -7.00 12.61 2.06
C LYS A 35 -6.12 13.51 1.21
N LEU A 36 -5.75 14.66 1.75
CA LEU A 36 -4.93 15.64 1.08
C LEU A 36 -3.66 15.88 1.90
N LEU A 37 -2.53 15.98 1.22
CA LEU A 37 -1.25 16.25 1.88
C LEU A 37 -0.84 17.68 1.60
N LEU A 38 -0.70 18.50 2.65
CA LEU A 38 -0.42 19.92 2.50
C LEU A 38 1.06 20.19 2.73
N LEU A 39 1.69 20.86 1.77
CA LEU A 39 3.12 21.11 1.81
C LEU A 39 3.41 22.52 1.29
N GLY A 40 4.65 22.93 1.46
CA GLY A 40 5.14 24.22 1.01
C GLY A 40 6.43 24.57 1.74
N ALA A 41 7.24 25.39 1.09
CA ALA A 41 8.53 25.80 1.65
C ALA A 41 8.30 26.92 2.66
N GLY A 42 8.40 26.61 3.95
CA GLY A 42 8.17 27.61 4.96
C GLY A 42 6.70 28.00 5.03
N GLU A 43 6.47 29.21 5.51
CA GLU A 43 5.12 29.78 5.57
C GLU A 43 4.85 30.62 4.32
N SER A 44 4.36 29.94 3.29
CA SER A 44 4.01 30.55 2.01
C SER A 44 2.50 30.75 1.85
N GLY A 45 1.75 30.78 2.94
CA GLY A 45 0.32 30.91 2.89
C GLY A 45 -0.47 29.67 3.27
N LYS A 46 0.18 28.67 3.85
CA LYS A 46 -0.54 27.49 4.29
C LYS A 46 -1.63 27.89 5.26
N ASN A 47 -1.27 28.67 6.27
CA ASN A 47 -2.23 29.10 7.28
C ASN A 47 -3.40 29.83 6.63
N THR A 48 -3.12 30.68 5.64
CA THR A 48 -4.20 31.37 4.92
C THR A 48 -5.10 30.37 4.22
N ILE A 49 -4.52 29.37 3.56
CA ILE A 49 -5.32 28.34 2.89
C ILE A 49 -6.18 27.58 3.89
N VAL A 50 -5.60 27.23 5.05
CA VAL A 50 -6.33 26.46 6.05
C VAL A 50 -7.49 27.29 6.61
N LYS A 51 -7.24 28.58 6.87
CA LYS A 51 -8.32 29.45 7.33
C LYS A 51 -9.42 29.57 6.28
N GLN A 52 -9.03 29.66 5.00
CA GLN A 52 -10.02 29.72 3.93
C GLN A 52 -10.87 28.46 3.90
N MET A 53 -10.24 27.30 4.08
CA MET A 53 -10.98 26.04 4.11
C MET A 53 -11.97 25.99 5.27
N THR A 182 1.08 19.70 18.26
CA THR A 182 1.91 18.51 18.20
C THR A 182 2.90 18.59 17.04
N GLY A 183 2.87 17.59 16.16
CA GLY A 183 3.79 17.53 15.04
C GLY A 183 3.13 17.52 13.69
N ILE A 184 1.88 17.05 13.62
CA ILE A 184 1.12 17.01 12.38
C ILE A 184 -0.28 17.57 12.67
N VAL A 185 -0.77 18.43 11.78
CA VAL A 185 -2.05 19.10 11.97
C VAL A 185 -3.06 18.52 10.98
N GLU A 186 -4.24 18.16 11.47
CA GLU A 186 -5.30 17.61 10.64
C GLU A 186 -6.48 18.58 10.61
N THR A 187 -6.90 18.94 9.41
CA THR A 187 -8.05 19.81 9.21
C THR A 187 -9.12 19.04 8.44
N HIS A 188 -10.28 18.86 9.05
CA HIS A 188 -11.39 18.15 8.45
C HIS A 188 -12.48 19.14 8.04
N PHE A 189 -12.95 19.02 6.80
CA PHE A 189 -14.01 19.90 6.33
C PHE A 189 -14.83 19.21 5.26
N THR A 190 -16.13 19.44 5.27
CA THR A 190 -17.03 18.86 4.28
C THR A 190 -17.53 19.95 3.34
N PHE A 191 -17.30 19.75 2.05
CA PHE A 191 -17.72 20.68 1.01
C PHE A 191 -18.53 19.92 -0.02
N LYS A 192 -19.76 20.38 -0.27
CA LYS A 192 -20.67 19.75 -1.24
C LYS A 192 -20.80 18.26 -0.99
N ASP A 193 -21.02 17.90 0.27
CA ASP A 193 -21.23 16.56 0.78
C ASP A 193 -19.98 15.68 0.68
N LEU A 194 -18.86 16.22 0.20
CA LEU A 194 -17.62 15.47 0.10
C LEU A 194 -16.71 15.86 1.27
N HIS A 195 -16.26 14.85 2.02
CA HIS A 195 -15.45 15.07 3.22
C HIS A 195 -13.97 15.04 2.87
N PHE A 196 -13.22 16.02 3.37
CA PHE A 196 -11.79 16.13 3.17
C PHE A 196 -11.09 16.13 4.52
N LYS A 197 -9.98 15.39 4.59
CA LYS A 197 -9.03 15.50 5.69
C LYS A 197 -7.70 15.93 5.09
N MET A 198 -7.19 17.07 5.55
CA MET A 198 -5.94 17.64 5.06
C MET A 198 -4.91 17.56 6.16
N PHE A 199 -3.75 16.99 5.83
CA PHE A 199 -2.67 16.77 6.80
C PHE A 199 -1.52 17.70 6.47
N ASP A 200 -1.19 18.58 7.41
CA ASP A 200 -0.07 19.50 7.28
C ASP A 200 1.08 19.01 8.17
N VAL A 201 2.26 18.87 7.57
CA VAL A 201 3.44 18.34 8.26
C VAL A 201 4.55 19.39 8.23
N GLY A 202 4.19 20.66 8.24
CA GLY A 202 5.19 21.71 8.19
C GLY A 202 6.06 21.77 9.43
N ALA A 203 5.47 21.54 10.61
CA ALA A 203 6.21 21.58 11.85
C ALA A 203 7.13 20.37 12.03
N GLN A 204 7.03 19.37 11.16
CA GLN A 204 7.90 18.20 11.20
C GLN A 204 9.21 18.54 10.48
N ARG A 205 10.17 19.06 11.25
CA ARG A 205 11.47 19.47 10.72
C ARG A 205 12.50 18.37 10.89
N SER A 206 12.33 17.32 10.09
CA SER A 206 13.23 16.17 10.15
C SER A 206 13.49 15.60 8.77
N GLU A 207 14.05 14.40 8.70
CA GLU A 207 14.36 13.79 7.41
C GLU A 207 13.06 13.32 6.74
N ARG A 208 12.63 14.09 5.74
CA ARG A 208 11.31 13.87 5.14
C ARG A 208 11.17 12.47 4.58
N LYS A 209 12.22 11.94 3.94
CA LYS A 209 12.12 10.63 3.33
C LYS A 209 11.95 9.51 4.35
N LYS A 210 12.13 9.79 5.64
CA LYS A 210 11.87 8.77 6.65
C LYS A 210 10.37 8.62 6.94
N TRP A 211 9.54 9.57 6.52
CA TRP A 211 8.11 9.45 6.77
C TRP A 211 7.22 9.84 5.59
N ILE A 212 7.79 10.29 4.47
CA ILE A 212 6.96 10.75 3.36
C ILE A 212 6.13 9.59 2.81
N HIS A 213 6.68 8.37 2.80
CA HIS A 213 5.93 7.21 2.34
C HIS A 213 4.69 6.95 3.18
N CYS A 214 4.63 7.46 4.41
CA CYS A 214 3.42 7.35 5.20
C CYS A 214 2.22 7.95 4.51
N PHE A 215 2.45 8.91 3.61
CA PHE A 215 1.37 9.56 2.89
C PHE A 215 1.19 9.02 1.49
N GLU A 216 1.80 7.88 1.17
CA GLU A 216 1.50 7.22 -0.09
C GLU A 216 0.04 6.79 -0.10
N GLY A 217 -0.67 7.14 -1.16
CA GLY A 217 -2.08 6.83 -1.27
C GLY A 217 -3.03 7.98 -0.99
N VAL A 218 -2.53 9.20 -0.79
CA VAL A 218 -3.42 10.35 -0.68
C VAL A 218 -3.98 10.69 -2.06
N THR A 219 -5.17 11.26 -2.08
CA THR A 219 -5.77 11.65 -3.35
C THR A 219 -4.95 12.74 -4.04
N ALA A 220 -4.49 13.74 -3.29
CA ALA A 220 -3.77 14.84 -3.90
C ALA A 220 -2.83 15.50 -2.91
N ILE A 221 -1.86 16.21 -3.46
CA ILE A 221 -0.92 17.02 -2.69
C ILE A 221 -1.21 18.49 -2.98
N ILE A 222 -1.57 19.25 -1.95
CA ILE A 222 -1.75 20.68 -2.06
C ILE A 222 -0.43 21.34 -1.70
N PHE A 223 0.22 21.96 -2.67
CA PHE A 223 1.51 22.60 -2.50
C PHE A 223 1.33 24.11 -2.60
N CYS A 224 1.70 24.83 -1.53
CA CYS A 224 1.52 26.27 -1.46
C CYS A 224 2.85 26.98 -1.63
N VAL A 225 2.88 27.96 -2.53
CA VAL A 225 4.08 28.75 -2.82
C VAL A 225 3.72 30.22 -2.78
N ALA A 226 4.53 31.02 -2.09
CA ALA A 226 4.31 32.46 -2.00
C ALA A 226 4.94 33.14 -3.22
N LEU A 227 4.12 33.84 -4.00
CA LEU A 227 4.63 34.54 -5.17
C LEU A 227 5.53 35.70 -4.79
N SER A 228 5.33 36.28 -3.59
CA SER A 228 6.11 37.43 -3.16
C SER A 228 7.53 37.08 -2.76
N ASP A 229 7.87 35.79 -2.69
CA ASP A 229 9.18 35.35 -2.24
C ASP A 229 10.24 35.36 -3.34
N TYR A 230 9.92 35.85 -4.53
CA TYR A 230 10.89 35.83 -5.62
C TYR A 230 12.08 36.74 -5.34
N ASP A 231 11.94 37.72 -4.45
CA ASP A 231 13.02 38.61 -4.09
C ASP A 231 13.59 38.38 -2.70
N LEU A 232 12.77 37.93 -1.76
CA LEU A 232 13.26 37.60 -0.43
C LEU A 232 14.25 36.44 -0.52
N VAL A 233 15.34 36.55 0.23
CA VAL A 233 16.40 35.56 0.13
C VAL A 233 16.01 34.30 0.90
N LEU A 234 15.90 34.43 2.24
CA LEU A 234 15.55 33.32 3.10
C LEU A 234 15.43 33.76 4.55
N ALA A 235 15.07 32.83 5.45
CA ALA A 235 15.11 33.14 6.87
C ALA A 235 16.54 33.46 7.31
N GLU A 236 17.49 32.64 6.89
CA GLU A 236 18.91 32.97 6.92
C GLU A 236 19.41 33.01 5.49
N ASP A 237 20.14 34.07 5.14
CA ASP A 237 20.40 34.40 3.74
C ASP A 237 20.89 33.19 2.95
N GLU A 238 22.06 32.65 3.32
CA GLU A 238 22.62 31.46 2.69
C GLU A 238 22.70 31.58 1.16
N GLU A 239 22.67 32.82 0.66
CA GLU A 239 22.69 33.16 -0.76
C GLU A 239 21.81 32.26 -1.62
N MET A 240 20.66 31.85 -1.09
CA MET A 240 19.70 31.03 -1.83
C MET A 240 18.32 31.64 -1.70
N ASN A 241 17.62 31.79 -2.83
CA ASN A 241 16.31 32.43 -2.83
C ASN A 241 15.24 31.53 -2.25
N ARG A 242 14.25 32.16 -1.60
CA ARG A 242 13.08 31.42 -1.13
C ARG A 242 12.34 30.77 -2.28
N MET A 243 12.23 31.47 -3.42
CA MET A 243 11.56 30.90 -4.58
C MET A 243 12.32 29.68 -5.09
N HIS A 244 13.64 29.74 -5.12
CA HIS A 244 14.43 28.59 -5.56
C HIS A 244 14.31 27.43 -4.58
N ALA A 245 14.27 27.72 -3.28
CA ALA A 245 14.03 26.65 -2.31
C ALA A 245 12.66 26.00 -2.53
N SER A 246 11.64 26.82 -2.79
CA SER A 246 10.32 26.29 -3.08
C SER A 246 10.33 25.43 -4.34
N MET A 247 11.05 25.88 -5.38
CA MET A 247 11.14 25.11 -6.61
C MET A 247 11.82 23.77 -6.39
N LYS A 248 12.90 23.76 -5.59
CA LYS A 248 13.58 22.51 -5.28
C LYS A 248 12.67 21.56 -4.50
N LEU A 249 11.95 22.09 -3.51
CA LEU A 249 11.02 21.24 -2.76
C LEU A 249 9.92 20.69 -3.65
N PHE A 250 9.38 21.52 -4.53
CA PHE A 250 8.36 21.07 -5.46
C PHE A 250 8.88 20.00 -6.39
N ASP A 251 10.10 20.18 -6.91
CA ASP A 251 10.69 19.17 -7.78
C ASP A 251 10.84 17.84 -7.06
N SER A 252 11.37 17.88 -5.84
CA SER A 252 11.59 16.66 -5.07
C SER A 252 10.26 15.94 -4.78
N ILE A 253 9.24 16.68 -4.36
CA ILE A 253 7.98 16.03 -4.02
C ILE A 253 7.26 15.54 -5.27
N CYS A 254 7.29 16.32 -6.36
CA CYS A 254 6.60 15.94 -7.58
C CYS A 254 7.20 14.70 -8.21
N ASN A 255 8.53 14.60 -8.23
CA ASN A 255 9.20 13.47 -8.83
C ASN A 255 9.58 12.41 -7.81
N ASN A 256 8.92 12.41 -6.65
CA ASN A 256 9.18 11.39 -5.63
C ASN A 256 8.59 10.06 -6.04
N LYS A 257 9.35 8.99 -5.77
CA LYS A 257 8.94 7.65 -6.17
C LYS A 257 7.63 7.22 -5.53
N TRP A 258 7.26 7.81 -4.39
CA TRP A 258 6.01 7.47 -3.73
C TRP A 258 4.81 8.19 -4.32
N PHE A 259 5.03 9.19 -5.16
CA PHE A 259 3.94 9.99 -5.73
C PHE A 259 4.07 10.08 -7.24
N THR A 260 4.31 8.92 -7.87
CA THR A 260 4.44 8.89 -9.33
C THR A 260 3.12 9.25 -10.01
N ASP A 261 2.00 8.82 -9.44
CA ASP A 261 0.69 9.03 -10.05
C ASP A 261 -0.25 9.82 -9.14
N THR A 262 0.32 10.70 -8.32
CA THR A 262 -0.47 11.55 -7.42
C THR A 262 -0.49 12.97 -7.97
N SER A 263 -1.68 13.55 -8.07
CA SER A 263 -1.82 14.88 -8.61
C SER A 263 -1.48 15.95 -7.57
N ILE A 264 -1.15 17.13 -8.07
CA ILE A 264 -0.74 18.26 -7.23
C ILE A 264 -1.62 19.46 -7.55
N ILE A 265 -2.21 20.03 -6.51
CA ILE A 265 -2.89 21.31 -6.59
C ILE A 265 -1.89 22.37 -6.13
N LEU A 266 -1.45 23.22 -7.06
CA LEU A 266 -0.41 24.20 -6.81
C LEU A 266 -1.07 25.55 -6.54
N PHE A 267 -1.08 25.95 -5.28
CA PHE A 267 -1.57 27.27 -4.89
C PHE A 267 -0.43 28.27 -4.93
N LEU A 268 -0.63 29.37 -5.62
CA LEU A 268 0.33 30.48 -5.69
C LEU A 268 -0.29 31.65 -4.94
N ASN A 269 0.10 31.80 -3.67
CA ASN A 269 -0.50 32.75 -2.76
C ASN A 269 0.15 34.12 -2.89
N LYS A 270 -0.50 35.12 -2.27
CA LYS A 270 0.02 36.48 -2.16
C LYS A 270 0.21 37.13 -3.53
N LYS A 271 -0.82 37.04 -4.37
CA LYS A 271 -0.72 37.64 -5.69
C LYS A 271 -0.79 39.16 -5.63
N ASP A 272 -1.49 39.73 -4.66
CA ASP A 272 -1.51 41.19 -4.52
C ASP A 272 -0.14 41.72 -4.12
N LEU A 273 0.47 41.10 -3.11
CA LEU A 273 1.82 41.50 -2.69
C LEU A 273 2.82 41.26 -3.80
N PHE A 274 2.66 40.17 -4.55
CA PHE A 274 3.54 39.94 -5.70
C PHE A 274 3.37 41.02 -6.75
N GLU A 275 2.13 41.46 -6.99
CA GLU A 275 1.90 42.52 -7.96
C GLU A 275 2.58 43.82 -7.53
N GLU A 276 2.47 44.15 -6.24
CA GLU A 276 3.17 45.32 -5.72
C GLU A 276 4.69 45.17 -5.89
N LYS A 277 5.23 44.01 -5.53
CA LYS A 277 6.67 43.83 -5.55
C LYS A 277 7.20 43.80 -6.97
N ILE A 278 6.39 43.36 -7.94
CA ILE A 278 6.84 43.34 -9.32
C ILE A 278 6.65 44.71 -9.96
N LYS A 279 5.71 45.50 -9.43
CA LYS A 279 5.63 46.90 -9.81
C LYS A 279 6.87 47.67 -9.37
N LYS A 280 7.38 47.35 -8.17
CA LYS A 280 8.51 48.09 -7.61
C LYS A 280 9.87 47.55 -8.03
N SER A 281 10.04 46.24 -8.12
CA SER A 281 11.32 45.59 -8.39
C SER A 281 11.13 44.51 -9.46
N PRO A 282 12.16 44.29 -10.30
CA PRO A 282 12.03 43.31 -11.38
C PRO A 282 12.07 41.87 -10.89
N LEU A 283 11.53 40.99 -11.73
CA LEU A 283 11.57 39.55 -11.49
C LEU A 283 12.92 38.94 -11.83
N THR A 284 13.78 39.66 -12.56
CA THR A 284 15.08 39.13 -12.96
C THR A 284 15.94 38.74 -11.76
N ILE A 285 15.63 39.28 -10.57
CA ILE A 285 16.35 38.88 -9.36
C ILE A 285 16.23 37.38 -9.14
N CYS A 286 15.04 36.82 -9.38
CA CYS A 286 14.84 35.39 -9.16
C CYS A 286 15.24 34.59 -10.41
N TYR A 287 14.75 34.98 -11.58
CA TYR A 287 15.03 34.30 -12.83
C TYR A 287 15.82 35.24 -13.73
N PRO A 288 17.16 35.11 -13.76
CA PRO A 288 17.96 36.00 -14.62
C PRO A 288 17.63 35.90 -16.09
N GLU A 289 17.15 34.75 -16.56
CA GLU A 289 16.85 34.55 -17.97
C GLU A 289 15.40 34.87 -18.30
N TYR A 290 14.94 36.04 -17.85
CA TYR A 290 13.56 36.46 -18.04
C TYR A 290 13.51 37.61 -19.05
N ALA A 291 12.59 37.53 -20.01
CA ALA A 291 12.50 38.49 -21.09
C ALA A 291 11.22 39.31 -21.09
N GLY A 292 10.17 38.87 -20.41
CA GLY A 292 8.92 39.60 -20.43
C GLY A 292 8.98 40.88 -19.61
N SER A 293 8.02 41.75 -19.88
CA SER A 293 7.93 43.01 -19.15
C SER A 293 7.47 42.75 -17.72
N ASN A 294 7.75 43.72 -16.85
CA ASN A 294 7.46 43.59 -15.42
C ASN A 294 6.00 43.95 -15.14
N THR A 295 5.12 43.03 -15.55
CA THR A 295 3.70 43.13 -15.25
C THR A 295 3.22 41.81 -14.67
N TYR A 296 2.16 41.91 -13.86
CA TYR A 296 1.73 40.79 -13.05
C TYR A 296 1.35 39.58 -13.89
N GLU A 297 0.60 39.81 -14.98
CA GLU A 297 0.03 38.68 -15.72
C GLU A 297 1.13 37.78 -16.28
N GLU A 298 2.07 38.36 -17.03
CA GLU A 298 3.10 37.53 -17.64
C GLU A 298 4.18 37.13 -16.64
N ALA A 299 4.42 37.92 -15.59
CA ALA A 299 5.32 37.47 -14.54
C ALA A 299 4.78 36.22 -13.85
N ALA A 300 3.49 36.22 -13.52
CA ALA A 300 2.87 35.06 -12.89
C ALA A 300 2.80 33.89 -13.85
N ALA A 301 2.55 34.15 -15.13
CA ALA A 301 2.57 33.07 -16.12
C ALA A 301 3.94 32.43 -16.22
N TYR A 302 5.00 33.25 -16.20
CA TYR A 302 6.36 32.72 -16.25
C TYR A 302 6.68 31.90 -15.01
N ILE A 303 6.26 32.38 -13.84
CA ILE A 303 6.49 31.63 -12.61
C ILE A 303 5.77 30.28 -12.66
N GLN A 304 4.53 30.28 -13.13
CA GLN A 304 3.78 29.03 -13.23
C GLN A 304 4.44 28.08 -14.23
N CYS A 305 4.93 28.62 -15.35
CA CYS A 305 5.64 27.78 -16.32
C CYS A 305 6.89 27.17 -15.71
N GLN A 306 7.66 27.97 -14.95
CA GLN A 306 8.84 27.44 -14.30
C GLN A 306 8.49 26.32 -13.32
N PHE A 307 7.42 26.51 -12.54
CA PHE A 307 7.04 25.48 -11.59
C PHE A 307 6.53 24.22 -12.27
N GLU A 308 5.75 24.37 -13.35
CA GLU A 308 5.16 23.22 -14.01
C GLU A 308 6.12 22.49 -14.93
N ASP A 309 7.23 23.12 -15.31
CA ASP A 309 8.25 22.41 -16.06
C ASP A 309 9.05 21.44 -15.20
N LEU A 310 8.91 21.51 -13.88
CA LEU A 310 9.58 20.56 -12.99
C LEU A 310 8.90 19.21 -12.94
N ASN A 311 7.72 19.07 -13.53
CA ASN A 311 7.00 17.80 -13.54
C ASN A 311 7.56 16.90 -14.65
N LYS A 312 8.16 15.78 -14.26
CA LYS A 312 8.64 14.80 -15.21
C LYS A 312 7.62 13.73 -15.54
N ARG A 313 6.60 13.56 -14.70
CA ARG A 313 5.53 12.60 -14.95
C ARG A 313 4.35 13.24 -15.67
N LYS A 314 4.63 13.89 -16.80
CA LYS A 314 3.58 14.62 -17.50
C LYS A 314 2.52 13.71 -18.07
N ASP A 315 2.83 12.43 -18.25
CA ASP A 315 1.88 11.45 -18.76
C ASP A 315 1.25 10.61 -17.66
N THR A 316 1.46 10.96 -16.40
CA THR A 316 0.96 10.15 -15.29
C THR A 316 0.22 11.01 -14.26
N LYS A 317 0.57 12.29 -14.19
CA LYS A 317 -0.05 13.19 -13.22
C LYS A 317 -0.27 14.55 -13.86
N GLU A 318 -1.12 15.35 -13.21
CA GLU A 318 -1.43 16.69 -13.66
C GLU A 318 -1.24 17.67 -12.52
N ILE A 319 -0.99 18.92 -12.87
CA ILE A 319 -0.81 20.00 -11.90
C ILE A 319 -1.93 21.01 -12.12
N TYR A 320 -2.72 21.24 -11.09
CA TYR A 320 -3.82 22.20 -11.13
C TYR A 320 -3.35 23.48 -10.43
N THR A 321 -3.01 24.50 -11.20
CA THR A 321 -2.41 25.72 -10.67
C THR A 321 -3.48 26.78 -10.48
N HIS A 322 -3.46 27.43 -9.31
CA HIS A 322 -4.42 28.48 -8.98
C HIS A 322 -3.69 29.62 -8.28
N PHE A 323 -3.90 30.84 -8.77
CA PHE A 323 -3.37 32.04 -8.13
C PHE A 323 -4.36 32.51 -7.07
N THR A 324 -3.90 32.61 -5.82
CA THR A 324 -4.76 32.95 -4.71
C THR A 324 -4.24 34.19 -3.99
N CYS A 325 -5.13 34.80 -3.21
CA CYS A 325 -4.78 35.87 -2.28
C CYS A 325 -5.59 35.66 -1.00
N SER A 326 -5.40 36.58 -0.05
CA SER A 326 -6.02 36.41 1.26
C SER A 326 -7.54 36.51 1.20
N THR A 327 -8.07 37.38 0.34
CA THR A 327 -9.49 37.64 0.27
C THR A 327 -10.25 36.65 -0.61
N ASP A 328 -9.56 35.72 -1.26
CA ASP A 328 -10.22 34.77 -2.14
C ASP A 328 -11.09 33.81 -1.34
N THR A 329 -12.29 33.52 -1.87
CA THR A 329 -13.22 32.60 -1.24
C THR A 329 -13.58 31.42 -2.16
N LYS A 330 -12.76 31.16 -3.18
CA LYS A 330 -13.03 30.10 -4.14
C LYS A 330 -11.96 29.01 -4.10
N ASN A 331 -11.09 29.02 -3.09
CA ASN A 331 -10.03 28.02 -3.01
C ASN A 331 -10.60 26.63 -2.71
N VAL A 332 -11.60 26.55 -1.84
CA VAL A 332 -12.22 25.26 -1.55
C VAL A 332 -12.96 24.75 -2.77
N GLN A 333 -13.56 25.64 -3.55
CA GLN A 333 -14.18 25.23 -4.81
C GLN A 333 -13.13 24.71 -5.79
N PHE A 334 -11.98 25.37 -5.87
CA PHE A 334 -10.93 24.91 -6.77
C PHE A 334 -10.43 23.52 -6.34
N VAL A 335 -10.24 23.32 -5.04
CA VAL A 335 -9.80 22.01 -4.54
C VAL A 335 -10.85 20.95 -4.84
N PHE A 336 -12.13 21.27 -4.63
CA PHE A 336 -13.20 20.32 -4.93
C PHE A 336 -13.20 19.95 -6.40
N ASP A 337 -13.07 20.94 -7.29
CA ASP A 337 -13.04 20.65 -8.72
C ASP A 337 -11.86 19.78 -9.10
N ALA A 338 -10.67 20.10 -8.58
CA ALA A 338 -9.49 19.30 -8.89
C ALA A 338 -9.64 17.87 -8.38
N VAL A 339 -10.21 17.69 -7.19
CA VAL A 339 -10.37 16.36 -6.62
C VAL A 339 -11.38 15.55 -7.43
N THR A 340 -12.51 16.17 -7.81
CA THR A 340 -13.48 15.45 -8.63
C THR A 340 -12.91 15.09 -9.98
N ASP A 341 -12.11 15.98 -10.57
CA ASP A 341 -11.44 15.67 -11.83
C ASP A 341 -10.48 14.50 -11.66
N VAL A 342 -9.73 14.47 -10.55
CA VAL A 342 -8.83 13.35 -10.29
C VAL A 342 -9.59 12.05 -10.17
N ILE A 343 -10.71 12.05 -9.44
CA ILE A 343 -11.50 10.84 -9.25
C ILE A 343 -12.05 10.35 -10.59
N ILE A 344 -12.60 11.27 -11.40
CA ILE A 344 -13.18 10.90 -12.68
C ILE A 344 -12.11 10.35 -13.62
N LYS A 345 -10.92 10.96 -13.62
CA LYS A 345 -9.86 10.48 -14.50
C LYS A 345 -9.32 9.13 -14.03
N ASN A 346 -9.28 8.89 -12.72
CA ASN A 346 -8.90 7.57 -12.24
C ASN A 346 -9.90 6.52 -12.67
N ASN A 347 -11.20 6.83 -12.58
CA ASN A 347 -12.21 5.90 -13.05
C ASN A 347 -12.10 5.65 -14.55
N LEU A 348 -11.82 6.70 -15.32
CA LEU A 348 -11.60 6.54 -16.75
C LEU A 348 -10.41 5.64 -17.04
N LYS A 349 -9.32 5.82 -16.28
CA LYS A 349 -8.16 4.94 -16.44
C LYS A 349 -8.52 3.50 -16.14
N ASP A 350 -9.32 3.27 -15.09
CA ASP A 350 -9.74 1.91 -14.77
C ASP A 350 -10.59 1.31 -15.88
N CYS A 351 -11.45 2.11 -16.51
CA CYS A 351 -12.28 1.61 -17.60
C CYS A 351 -11.52 1.52 -18.93
N GLY A 352 -10.23 1.83 -18.95
CA GLY A 352 -9.48 1.81 -20.19
C GLY A 352 -9.73 2.97 -21.11
N LEU A 353 -10.28 4.08 -20.59
CA LEU A 353 -10.66 5.22 -21.40
C LEU A 353 -9.75 6.43 -21.19
N PHE A 354 -8.63 6.27 -20.51
CA PHE A 354 -7.75 7.39 -20.23
C PHE A 354 -6.30 6.93 -20.10
N LEU B 16 38.96 26.56 18.18
CA LEU B 16 38.19 26.15 17.02
C LEU B 16 38.98 25.16 16.14
N ASP B 17 39.86 25.70 15.31
CA ASP B 17 40.66 24.85 14.43
C ASP B 17 41.56 23.92 15.22
N GLN B 18 42.17 24.43 16.30
CA GLN B 18 42.97 23.58 17.16
C GLN B 18 42.12 22.51 17.81
N LEU B 19 40.90 22.87 18.23
CA LEU B 19 39.98 21.87 18.79
C LEU B 19 39.60 20.82 17.75
N ARG B 20 39.40 21.25 16.50
CA ARG B 20 39.11 20.29 15.43
C ARG B 20 40.27 19.35 15.20
N GLN B 21 41.51 19.87 15.21
CA GLN B 21 42.68 19.02 15.04
C GLN B 21 42.81 18.03 16.20
N GLU B 22 42.56 18.49 17.42
CA GLU B 22 42.60 17.60 18.58
C GLU B 22 41.54 16.51 18.46
N ALA B 23 40.35 16.86 18.00
CA ALA B 23 39.30 15.86 17.78
C ALA B 23 39.72 14.85 16.71
N GLU B 24 40.36 15.32 15.64
CA GLU B 24 40.87 14.41 14.62
C GLU B 24 41.90 13.46 15.19
N GLN B 25 42.79 13.96 16.03
CA GLN B 25 43.80 13.10 16.66
C GLN B 25 43.15 12.09 17.58
N LEU B 26 42.10 12.50 18.31
CA LEU B 26 41.40 11.55 19.17
C LEU B 26 40.71 10.46 18.35
N LYS B 27 40.10 10.83 17.22
CA LYS B 27 39.49 9.83 16.35
C LYS B 27 40.53 8.86 15.82
N ASN B 28 41.69 9.37 15.41
CA ASN B 28 42.76 8.48 14.93
C ASN B 28 43.26 7.57 16.04
N GLN B 29 43.37 8.09 17.27
CA GLN B 29 43.78 7.27 18.41
C GLN B 29 42.78 6.16 18.69
N ILE B 30 41.48 6.48 18.65
CA ILE B 30 40.46 5.45 18.86
C ILE B 30 40.52 4.40 17.77
N ARG B 31 40.70 4.83 16.52
CA ARG B 31 40.81 3.87 15.42
C ARG B 31 42.01 2.96 15.60
N ASP B 32 43.15 3.52 16.02
CA ASP B 32 44.34 2.70 16.23
C ASP B 32 44.14 1.72 17.38
N ALA B 33 43.50 2.17 18.47
CA ALA B 33 43.27 1.28 19.61
C ALA B 33 42.31 0.16 19.24
N ARG B 34 41.35 0.43 18.36
CA ARG B 34 40.44 -0.62 17.90
C ARG B 34 41.12 -1.56 16.91
N LYS B 35 42.04 -1.04 16.09
CA LYS B 35 42.77 -1.91 15.17
C LYS B 35 43.77 -2.78 15.90
N ALA B 36 44.27 -2.32 17.06
CA ALA B 36 45.19 -3.14 17.85
C ALA B 36 44.49 -4.39 18.37
N CYS B 37 43.23 -4.27 18.78
CA CYS B 37 42.47 -5.40 19.31
C CYS B 37 42.05 -6.40 18.24
N ALA B 38 42.17 -6.05 16.96
CA ALA B 38 41.72 -6.93 15.88
C ALA B 38 42.83 -7.93 15.54
N ASP B 39 42.86 -9.01 16.34
CA ASP B 39 43.88 -10.04 16.13
C ASP B 39 43.38 -11.12 15.18
N ALA B 40 42.14 -11.58 15.38
CA ALA B 40 41.55 -12.61 14.54
C ALA B 40 40.13 -12.21 14.18
N THR B 41 39.65 -12.71 13.05
CA THR B 41 38.33 -12.38 12.54
C THR B 41 37.32 -13.40 13.07
N LEU B 42 36.11 -12.94 13.33
CA LEU B 42 35.04 -13.83 13.77
C LEU B 42 34.80 -14.95 12.78
N SER B 43 34.93 -14.68 11.48
CA SER B 43 34.81 -15.73 10.48
C SER B 43 35.89 -16.79 10.66
N GLN B 44 37.13 -16.35 10.95
CA GLN B 44 38.20 -17.31 11.20
C GLN B 44 37.93 -18.13 12.46
N ILE B 45 37.40 -17.49 13.50
CA ILE B 45 37.14 -18.20 14.75
C ILE B 45 36.03 -19.22 14.57
N THR B 46 35.00 -18.89 13.78
CA THR B 46 33.87 -19.78 13.57
C THR B 46 34.02 -20.66 12.34
N ASN B 47 35.16 -20.62 11.65
CA ASN B 47 35.29 -21.34 10.39
C ASN B 47 35.20 -22.85 10.57
N ASN B 48 35.42 -23.35 11.78
CA ASN B 48 35.47 -24.79 12.04
C ASN B 48 34.31 -25.25 12.91
N ILE B 49 33.10 -24.76 12.64
CA ILE B 49 31.90 -25.19 13.34
C ILE B 49 30.89 -25.67 12.31
N ASP B 50 29.96 -26.49 12.79
CA ASP B 50 28.94 -27.06 11.90
C ASP B 50 28.00 -25.97 11.40
N PRO B 51 27.83 -25.82 10.09
CA PRO B 51 26.85 -24.85 9.59
C PRO B 51 25.45 -25.19 10.07
N VAL B 52 24.64 -24.14 10.23
CA VAL B 52 23.27 -24.33 10.70
C VAL B 52 22.47 -25.21 9.76
N GLY B 53 22.67 -25.07 8.46
CA GLY B 53 21.91 -25.83 7.49
C GLY B 53 20.90 -24.96 6.76
N ARG B 54 19.85 -25.60 6.26
CA ARG B 54 18.76 -24.92 5.60
C ARG B 54 17.61 -24.76 6.59
N ILE B 55 17.35 -23.53 7.00
CA ILE B 55 16.29 -23.21 7.93
C ILE B 55 15.04 -22.93 7.11
N GLN B 56 14.00 -23.75 7.28
CA GLN B 56 12.74 -23.60 6.57
C GLN B 56 11.61 -23.50 7.59
N MET B 57 10.90 -22.38 7.57
CA MET B 57 9.77 -22.15 8.47
C MET B 57 8.51 -21.99 7.63
N ARG B 58 7.38 -22.28 8.26
CA ARG B 58 6.08 -22.19 7.60
C ARG B 58 5.17 -21.27 8.39
N THR B 59 4.28 -20.59 7.68
CA THR B 59 3.36 -19.65 8.30
C THR B 59 2.37 -20.43 9.15
N ARG B 60 2.60 -20.43 10.47
CA ARG B 60 1.69 -21.13 11.37
C ARG B 60 0.40 -20.37 11.59
N ARG B 61 0.48 -19.04 11.64
CA ARG B 61 -0.70 -18.22 11.86
C ARG B 61 -0.69 -17.02 10.93
N THR B 62 -1.89 -16.58 10.55
CA THR B 62 -2.06 -15.32 9.82
C THR B 62 -3.08 -14.46 10.56
N LEU B 63 -2.67 -13.24 10.89
CA LEU B 63 -3.51 -12.29 11.61
C LEU B 63 -3.99 -11.23 10.65
N ARG B 64 -5.31 -11.08 10.56
CA ARG B 64 -5.97 -10.15 9.64
C ARG B 64 -6.90 -9.24 10.43
N GLY B 65 -7.06 -8.02 9.93
CA GLY B 65 -7.91 -7.06 10.61
C GLY B 65 -7.40 -5.64 10.53
N HIS B 66 -6.17 -5.47 10.05
CA HIS B 66 -5.66 -4.13 9.76
C HIS B 66 -5.99 -3.77 8.33
N LEU B 67 -6.44 -2.52 8.14
CA LEU B 67 -6.90 -2.06 6.84
C LEU B 67 -5.90 -1.15 6.15
N ALA B 68 -4.76 -0.87 6.77
CA ALA B 68 -3.73 -0.05 6.15
C ALA B 68 -2.38 -0.69 6.47
N LYS B 69 -1.30 0.01 6.12
CA LYS B 69 0.04 -0.52 6.34
C LYS B 69 0.29 -0.76 7.83
N ILE B 70 0.98 -1.84 8.14
CA ILE B 70 1.45 -2.11 9.49
C ILE B 70 2.86 -1.55 9.61
N TYR B 71 3.11 -0.80 10.68
CA TYR B 71 4.42 -0.20 10.88
C TYR B 71 5.21 -0.78 12.04
N ALA B 72 4.54 -1.40 13.03
CA ALA B 72 5.26 -1.91 14.18
C ALA B 72 4.45 -3.01 14.85
N MET B 73 5.18 -3.95 15.44
CA MET B 73 4.59 -4.97 16.31
C MET B 73 5.58 -5.26 17.43
N HIS B 74 5.05 -5.78 18.54
CA HIS B 74 5.88 -6.10 19.69
C HIS B 74 5.24 -7.24 20.47
N TRP B 75 6.02 -8.28 20.74
CA TRP B 75 5.57 -9.39 21.54
C TRP B 75 5.46 -9.02 23.00
N GLY B 76 4.42 -9.53 23.66
CA GLY B 76 4.38 -9.51 25.11
C GLY B 76 5.33 -10.53 25.70
N THR B 77 5.55 -10.42 27.01
CA THR B 77 6.50 -11.31 27.67
C THR B 77 5.93 -12.71 27.90
N ASP B 78 4.63 -12.90 27.74
CA ASP B 78 4.07 -14.24 27.85
C ASP B 78 4.24 -15.05 26.57
N SER B 79 4.70 -14.42 25.49
CA SER B 79 5.02 -15.01 24.19
C SER B 79 3.77 -15.44 23.42
N ARG B 80 2.57 -15.08 23.85
CA ARG B 80 1.37 -15.34 23.07
C ARG B 80 0.57 -14.09 22.73
N LEU B 81 0.56 -13.08 23.61
CA LEU B 81 -0.09 -11.80 23.32
C LEU B 81 0.91 -10.88 22.64
N LEU B 82 0.49 -10.27 21.54
CA LEU B 82 1.32 -9.31 20.84
C LEU B 82 0.49 -8.07 20.52
N VAL B 83 1.18 -6.97 20.22
CA VAL B 83 0.52 -5.72 19.87
C VAL B 83 1.03 -5.29 18.50
N SER B 84 0.12 -4.77 17.68
CA SER B 84 0.46 -4.27 16.36
C SER B 84 -0.16 -2.89 16.17
N ALA B 85 0.54 -2.04 15.42
CA ALA B 85 0.14 -0.67 15.18
C ALA B 85 0.02 -0.43 13.69
N SER B 86 -1.10 0.15 13.26
CA SER B 86 -1.32 0.41 11.85
C SER B 86 -1.91 1.80 11.63
N GLN B 87 -1.57 2.37 10.48
CA GLN B 87 -1.99 3.70 10.04
C GLN B 87 -3.48 3.80 9.80
N ASP B 88 -4.23 2.72 9.95
CA ASP B 88 -5.67 2.87 10.03
C ASP B 88 -6.11 3.42 11.36
N GLY B 89 -5.11 3.91 12.10
CA GLY B 89 -5.29 4.43 13.44
C GLY B 89 -5.65 3.36 14.43
N LYS B 90 -5.07 2.17 14.29
CA LYS B 90 -5.48 1.06 15.13
C LYS B 90 -4.29 0.43 15.84
N LEU B 91 -4.44 0.25 17.15
CA LEU B 91 -3.54 -0.54 17.97
C LEU B 91 -4.30 -1.79 18.37
N ILE B 92 -3.90 -2.94 17.83
CA ILE B 92 -4.63 -4.19 18.02
C ILE B 92 -3.78 -5.15 18.81
N ILE B 93 -4.38 -5.75 19.85
CA ILE B 93 -3.72 -6.77 20.66
C ILE B 93 -4.25 -8.14 20.24
N TRP B 94 -3.35 -9.02 19.84
CA TRP B 94 -3.67 -10.33 19.32
C TRP B 94 -3.26 -11.42 20.29
N ASP B 95 -4.12 -12.43 20.41
CA ASP B 95 -3.75 -13.72 20.98
C ASP B 95 -3.25 -14.58 19.83
N SER B 96 -1.93 -14.81 19.77
CA SER B 96 -1.35 -15.49 18.63
C SER B 96 -1.78 -16.95 18.55
N TYR B 97 -2.09 -17.58 19.69
CA TYR B 97 -2.46 -18.99 19.68
C TYR B 97 -3.78 -19.20 18.95
N THR B 98 -4.80 -18.42 19.30
CA THR B 98 -6.15 -18.58 18.75
C THR B 98 -6.47 -17.57 17.65
N THR B 99 -5.54 -16.68 17.32
CA THR B 99 -5.74 -15.56 16.40
C THR B 99 -6.87 -14.62 16.83
N ASN B 100 -7.33 -14.74 18.07
CA ASN B 100 -8.38 -13.84 18.55
C ASN B 100 -7.81 -12.43 18.77
N LYS B 101 -8.71 -11.45 18.71
CA LYS B 101 -8.38 -10.08 19.04
C LYS B 101 -8.88 -9.79 20.44
N VAL B 102 -8.00 -9.32 21.31
CA VAL B 102 -8.36 -9.02 22.69
C VAL B 102 -8.73 -7.55 22.86
N HIS B 103 -7.99 -6.65 22.20
CA HIS B 103 -8.27 -5.22 22.27
C HIS B 103 -8.08 -4.59 20.91
N ALA B 104 -8.83 -3.53 20.66
CA ALA B 104 -8.62 -2.65 19.51
C ALA B 104 -8.69 -1.23 20.02
N ILE B 105 -7.55 -0.54 20.05
CA ILE B 105 -7.45 0.80 20.63
C ILE B 105 -7.54 1.82 19.50
N PRO B 106 -8.55 2.70 19.51
CA PRO B 106 -8.58 3.78 18.51
C PRO B 106 -7.60 4.88 18.87
N LEU B 107 -6.66 5.14 17.97
CA LEU B 107 -5.61 6.13 18.20
C LEU B 107 -6.11 7.53 17.88
N ARG B 108 -5.75 8.49 18.73
CA ARG B 108 -6.10 9.88 18.47
C ARG B 108 -5.42 10.38 17.20
N SER B 109 -4.15 10.02 17.01
CA SER B 109 -3.42 10.29 15.79
C SER B 109 -3.15 8.97 15.09
N SER B 110 -3.49 8.90 13.81
CA SER B 110 -3.39 7.66 13.04
C SER B 110 -2.01 7.45 12.44
N TRP B 111 -1.09 8.39 12.61
CA TRP B 111 0.22 8.31 11.96
C TRP B 111 1.25 7.69 12.89
N VAL B 112 0.96 6.46 13.32
CA VAL B 112 1.80 5.73 14.25
C VAL B 112 2.95 5.07 13.50
N MET B 113 4.13 5.04 14.13
CA MET B 113 5.30 4.38 13.57
C MET B 113 5.97 3.43 14.53
N THR B 114 5.49 3.29 15.76
CA THR B 114 6.11 2.40 16.73
C THR B 114 5.07 2.04 17.79
N CYS B 115 5.26 0.85 18.36
CA CYS B 115 4.43 0.43 19.48
C CYS B 115 5.29 -0.43 20.41
N ALA B 116 4.92 -0.45 21.68
CA ALA B 116 5.66 -1.19 22.69
C ALA B 116 4.70 -1.88 23.63
N TYR B 117 5.07 -3.07 24.07
CA TYR B 117 4.34 -3.82 25.08
C TYR B 117 5.12 -3.79 26.38
N ALA B 118 4.44 -3.44 27.47
CA ALA B 118 5.11 -3.39 28.76
C ALA B 118 5.47 -4.81 29.22
N PRO B 119 6.59 -4.99 29.91
CA PRO B 119 6.93 -6.33 30.41
C PRO B 119 5.90 -6.92 31.35
N SER B 120 5.23 -6.09 32.14
CA SER B 120 4.19 -6.59 33.03
C SER B 120 2.90 -6.90 32.29
N GLY B 121 2.77 -6.44 31.05
CA GLY B 121 1.57 -6.67 30.28
C GLY B 121 0.38 -5.82 30.67
N ASN B 122 0.57 -4.84 31.56
CA ASN B 122 -0.51 -3.96 31.99
C ASN B 122 -0.64 -2.70 31.15
N TYR B 123 0.35 -2.39 30.32
CA TYR B 123 0.34 -1.16 29.55
C TYR B 123 0.85 -1.42 28.15
N VAL B 124 0.41 -0.59 27.21
CA VAL B 124 1.01 -0.53 25.89
C VAL B 124 1.33 0.92 25.58
N ALA B 125 2.20 1.12 24.59
CA ALA B 125 2.59 2.45 24.19
C ALA B 125 2.66 2.53 22.68
N CYS B 126 2.50 3.74 22.15
CA CYS B 126 2.61 3.97 20.72
C CYS B 126 3.00 5.43 20.50
N GLY B 127 3.35 5.74 19.26
CA GLY B 127 3.72 7.10 18.92
C GLY B 127 4.07 7.20 17.45
N GLY B 128 4.22 8.43 16.99
CA GLY B 128 4.49 8.67 15.58
C GLY B 128 4.67 10.12 15.20
N LEU B 129 4.04 10.52 14.09
CA LEU B 129 4.20 11.86 13.55
C LEU B 129 3.61 12.94 14.43
N ASP B 130 2.82 12.57 15.44
CA ASP B 130 2.32 13.54 16.41
C ASP B 130 3.37 13.93 17.44
N ASN B 131 4.55 13.30 17.43
CA ASN B 131 5.64 13.55 18.37
C ASN B 131 5.26 13.23 19.81
N ILE B 132 4.19 12.46 20.01
CA ILE B 132 3.69 12.12 21.34
C ILE B 132 3.90 10.62 21.54
N CYS B 133 4.34 10.25 22.74
CA CYS B 133 4.33 8.86 23.18
C CYS B 133 3.12 8.67 24.08
N SER B 134 2.15 7.90 23.59
CA SER B 134 0.91 7.68 24.33
C SER B 134 0.96 6.31 25.00
N ILE B 135 0.61 6.27 26.28
CA ILE B 135 0.61 5.07 27.09
C ILE B 135 -0.84 4.76 27.44
N TYR B 136 -1.29 3.55 27.08
CA TYR B 136 -2.64 3.08 27.33
C TYR B 136 -2.61 1.99 28.39
N ASN B 137 -3.60 2.05 29.28
CA ASN B 137 -3.73 1.09 30.38
C ASN B 137 -4.70 -0.01 29.98
N LEU B 138 -4.25 -1.26 30.09
CA LEU B 138 -5.06 -2.40 29.70
C LEU B 138 -5.78 -3.06 30.88
N LYS B 139 -5.43 -2.70 32.11
CA LYS B 139 -6.00 -3.33 33.30
C LYS B 139 -6.80 -2.29 34.08
N THR B 140 -8.07 -2.16 33.73
CA THR B 140 -8.98 -1.22 34.38
C THR B 140 -10.04 -1.99 35.17
N ARG B 141 -10.81 -1.26 35.97
CA ARG B 141 -11.87 -1.88 36.74
C ARG B 141 -12.94 -2.49 35.84
N GLU B 142 -13.36 -1.76 34.81
CA GLU B 142 -14.41 -2.21 33.90
C GLU B 142 -13.87 -2.94 32.69
N GLY B 143 -12.56 -3.14 32.59
CA GLY B 143 -11.98 -3.93 31.52
C GLY B 143 -11.80 -3.19 30.21
N ASN B 144 -11.94 -1.88 30.18
CA ASN B 144 -11.71 -1.12 28.97
C ASN B 144 -10.29 -0.57 28.93
N VAL B 145 -9.91 -0.03 27.78
CA VAL B 145 -8.60 0.57 27.60
C VAL B 145 -8.78 2.07 27.44
N ARG B 146 -8.13 2.84 28.32
CA ARG B 146 -8.15 4.29 28.25
C ARG B 146 -6.71 4.80 28.22
N VAL B 147 -6.55 5.97 27.62
CA VAL B 147 -5.23 6.60 27.55
C VAL B 147 -4.78 6.94 28.96
N SER B 148 -3.66 6.37 29.38
CA SER B 148 -3.15 6.61 30.72
C SER B 148 -2.22 7.82 30.77
N ARG B 149 -1.43 8.05 29.74
CA ARG B 149 -0.45 9.13 29.78
C ARG B 149 -0.11 9.57 28.36
N GLU B 150 0.31 10.82 28.23
CA GLU B 150 0.83 11.34 26.98
C GLU B 150 2.12 12.10 27.26
N LEU B 151 3.19 11.72 26.55
CA LEU B 151 4.52 12.31 26.71
C LEU B 151 4.81 13.16 25.49
N ALA B 152 5.05 14.46 25.71
CA ALA B 152 4.98 15.44 24.65
C ALA B 152 6.27 16.20 24.36
N GLY B 153 7.32 15.99 25.14
CA GLY B 153 8.49 16.85 25.05
C GLY B 153 9.27 16.77 23.74
N HIS B 154 9.13 15.68 23.00
CA HIS B 154 9.89 15.54 21.75
C HIS B 154 9.43 16.56 20.72
N THR B 155 10.39 17.04 19.92
CA THR B 155 10.11 17.96 18.83
C THR B 155 10.22 17.31 17.46
N GLY B 156 10.31 15.98 17.41
CA GLY B 156 10.30 15.25 16.16
C GLY B 156 9.46 14.00 16.29
N TYR B 157 9.25 13.33 15.16
CA TYR B 157 8.42 12.13 15.16
C TYR B 157 9.05 11.04 16.03
N LEU B 158 8.20 10.28 16.69
CA LEU B 158 8.65 9.17 17.53
C LEU B 158 8.89 7.95 16.66
N SER B 159 10.11 7.43 16.68
CA SER B 159 10.47 6.29 15.85
C SER B 159 10.48 4.97 16.61
N CYS B 160 10.75 4.98 17.91
CA CYS B 160 10.77 3.74 18.69
C CYS B 160 10.60 4.08 20.16
N CYS B 161 10.06 3.11 20.91
CA CYS B 161 9.90 3.25 22.35
C CYS B 161 9.93 1.87 22.98
N ARG B 162 10.43 1.81 24.22
CA ARG B 162 10.58 0.56 24.94
C ARG B 162 10.38 0.82 26.43
N PHE B 163 9.52 0.03 27.06
CA PHE B 163 9.35 0.12 28.50
C PHE B 163 10.54 -0.47 29.23
N LEU B 164 10.94 0.16 30.33
CA LEU B 164 11.80 -0.47 31.31
C LEU B 164 10.99 -1.18 32.39
N ASP B 165 9.99 -0.49 32.91
CA ASP B 165 9.02 -1.04 33.84
C ASP B 165 7.71 -0.30 33.61
N ASP B 166 6.78 -0.39 34.57
CA ASP B 166 5.49 0.26 34.41
C ASP B 166 5.59 1.78 34.51
N ASN B 167 6.72 2.32 34.96
CA ASN B 167 6.82 3.76 35.18
C ASN B 167 7.99 4.41 34.46
N GLN B 168 8.74 3.67 33.65
CA GLN B 168 9.85 4.25 32.91
C GLN B 168 9.81 3.76 31.47
N ILE B 169 10.00 4.68 30.54
CA ILE B 169 10.01 4.30 29.13
C ILE B 169 11.04 5.13 28.38
N VAL B 170 11.77 4.49 27.48
CA VAL B 170 12.80 5.16 26.68
C VAL B 170 12.27 5.29 25.25
N THR B 171 12.36 6.50 24.71
CA THR B 171 11.90 6.81 23.37
C THR B 171 13.04 7.37 22.54
N SER B 172 13.00 7.10 21.24
CA SER B 172 13.90 7.71 20.27
C SER B 172 13.07 8.57 19.32
N SER B 173 13.65 9.66 18.83
CA SER B 173 12.88 10.60 18.04
C SER B 173 13.67 11.10 16.84
N GLY B 174 12.94 11.60 15.86
CA GLY B 174 13.53 12.21 14.68
C GLY B 174 14.25 13.51 14.92
N ASP B 175 14.16 14.06 16.13
CA ASP B 175 14.91 15.26 16.50
C ASP B 175 16.33 14.93 16.96
N THR B 176 16.86 13.77 16.58
CA THR B 176 18.23 13.33 16.88
C THR B 176 18.44 13.11 18.38
N THR B 177 17.39 12.72 19.10
CA THR B 177 17.45 12.66 20.55
C THR B 177 16.70 11.43 21.06
N CYS B 178 17.21 10.85 22.14
CA CYS B 178 16.47 9.87 22.91
C CYS B 178 16.11 10.45 24.28
N ALA B 179 15.15 9.84 24.94
CA ALA B 179 14.69 10.36 26.22
C ALA B 179 14.16 9.24 27.10
N LEU B 180 14.54 9.29 28.37
CA LEU B 180 13.99 8.43 29.41
C LEU B 180 12.92 9.20 30.16
N TRP B 181 11.70 8.67 30.16
CA TRP B 181 10.52 9.32 30.71
C TRP B 181 10.05 8.58 31.95
N ASP B 182 9.75 9.36 32.99
CA ASP B 182 8.98 8.90 34.13
C ASP B 182 7.50 9.07 33.79
N ILE B 183 6.77 7.95 33.75
CA ILE B 183 5.40 7.98 33.26
C ILE B 183 4.48 8.72 34.22
N GLU B 184 4.68 8.53 35.53
CA GLU B 184 3.75 9.08 36.52
C GLU B 184 3.68 10.60 36.44
N THR B 185 4.82 11.26 36.32
CA THR B 185 4.85 12.72 36.22
C THR B 185 4.78 13.23 34.79
N GLY B 186 5.12 12.40 33.81
CA GLY B 186 5.08 12.82 32.42
C GLY B 186 6.27 13.63 31.97
N GLN B 187 7.30 13.75 32.78
CA GLN B 187 8.47 14.54 32.46
C GLN B 187 9.60 13.65 31.95
N GLN B 188 10.54 14.26 31.24
CA GLN B 188 11.74 13.57 30.82
C GLN B 188 12.69 13.48 32.01
N THR B 189 12.85 12.27 32.55
CA THR B 189 13.86 12.06 33.58
C THR B 189 15.26 12.30 33.02
N THR B 190 15.51 11.84 31.79
CA THR B 190 16.83 11.96 31.20
C THR B 190 16.70 12.24 29.70
N THR B 191 17.66 12.97 29.16
CA THR B 191 17.74 13.25 27.73
C THR B 191 19.10 12.80 27.20
N PHE B 192 19.09 12.04 26.11
CA PHE B 192 20.29 11.50 25.50
C PHE B 192 20.51 12.21 24.16
N THR B 193 21.64 12.90 24.04
CA THR B 193 21.97 13.66 22.85
C THR B 193 23.37 13.29 22.38
N GLY B 194 23.60 13.49 21.09
CA GLY B 194 24.89 13.19 20.49
C GLY B 194 24.79 12.66 19.09
N HIS B 195 23.63 12.11 18.73
CA HIS B 195 23.39 11.76 17.33
C HIS B 195 23.21 13.02 16.50
N THR B 196 23.68 12.97 15.25
CA THR B 196 23.52 14.08 14.33
C THR B 196 22.39 13.87 13.32
N GLY B 197 21.86 12.65 13.21
CA GLY B 197 20.72 12.37 12.38
C GLY B 197 19.54 11.85 13.20
N ASP B 198 18.42 11.66 12.51
CA ASP B 198 17.23 11.15 13.17
C ASP B 198 17.44 9.76 13.70
N VAL B 199 17.09 9.55 14.96
CA VAL B 199 17.24 8.24 15.59
C VAL B 199 16.05 7.38 15.16
N MET B 200 16.33 6.23 14.56
CA MET B 200 15.30 5.40 13.97
C MET B 200 14.95 4.16 14.78
N SER B 201 15.84 3.70 15.65
CA SER B 201 15.63 2.42 16.33
C SER B 201 16.21 2.48 17.73
N LEU B 202 15.85 1.48 18.53
CA LEU B 202 16.15 1.48 19.95
C LEU B 202 16.08 0.04 20.46
N SER B 203 17.03 -0.35 21.29
CA SER B 203 17.08 -1.71 21.83
C SER B 203 17.64 -1.68 23.24
N LEU B 204 16.82 -2.08 24.21
CA LEU B 204 17.26 -2.14 25.59
C LEU B 204 18.10 -3.38 25.84
N ALA B 205 19.12 -3.23 26.68
CA ALA B 205 19.88 -4.38 27.14
C ALA B 205 19.00 -5.26 28.02
N PRO B 206 19.29 -6.56 28.09
CA PRO B 206 18.45 -7.46 28.91
C PRO B 206 18.35 -7.03 30.37
N ASP B 207 19.39 -6.40 30.93
CA ASP B 207 19.32 -5.90 32.29
C ASP B 207 18.77 -4.48 32.40
N THR B 208 18.47 -3.84 31.26
CA THR B 208 17.93 -2.48 31.21
C THR B 208 18.85 -1.47 31.88
N ARG B 209 20.15 -1.73 31.87
CA ARG B 209 21.14 -0.78 32.35
C ARG B 209 21.78 0.03 31.23
N LEU B 210 21.76 -0.48 30.01
CA LEU B 210 22.27 0.21 28.84
C LEU B 210 21.25 0.08 27.72
N PHE B 211 21.40 0.91 26.69
CA PHE B 211 20.62 0.70 25.48
C PHE B 211 21.37 1.27 24.29
N VAL B 212 21.19 0.64 23.13
CA VAL B 212 21.82 1.10 21.90
C VAL B 212 20.76 1.76 21.03
N SER B 213 21.22 2.69 20.20
CA SER B 213 20.35 3.39 19.26
C SER B 213 21.05 3.55 17.93
N GLY B 214 20.30 3.38 16.85
CA GLY B 214 20.79 3.61 15.50
C GLY B 214 20.10 4.82 14.90
N ALA B 215 20.84 5.60 14.12
CA ALA B 215 20.32 6.86 13.61
C ALA B 215 20.66 6.99 12.13
N CYS B 216 20.18 8.07 11.52
CA CYS B 216 20.39 8.33 10.10
C CYS B 216 21.79 8.83 9.79
N ASP B 217 22.60 9.11 10.81
CA ASP B 217 23.99 9.46 10.60
C ASP B 217 24.89 8.26 10.34
N ALA B 218 24.29 7.10 10.03
CA ALA B 218 25.01 5.86 9.77
C ALA B 218 25.87 5.46 10.97
N SER B 219 25.35 5.68 12.17
CA SER B 219 26.10 5.47 13.40
C SER B 219 25.20 4.86 14.46
N ALA B 220 25.78 4.04 15.31
CA ALA B 220 25.10 3.47 16.46
C ALA B 220 25.77 3.97 17.73
N LYS B 221 24.99 4.18 18.78
CA LYS B 221 25.52 4.70 20.03
C LYS B 221 25.00 3.89 21.20
N LEU B 222 25.87 3.65 22.18
CA LEU B 222 25.52 2.96 23.40
C LEU B 222 25.39 3.97 24.53
N TRP B 223 24.28 3.91 25.26
CA TRP B 223 23.93 4.89 26.27
C TRP B 223 23.73 4.20 27.61
N ASP B 224 24.24 4.82 28.66
CA ASP B 224 24.00 4.38 30.03
C ASP B 224 22.74 5.05 30.56
N VAL B 225 21.76 4.23 30.93
CA VAL B 225 20.46 4.76 31.33
C VAL B 225 20.57 5.61 32.59
N ARG B 226 21.35 5.16 33.57
CA ARG B 226 21.40 5.85 34.85
C ARG B 226 22.16 7.17 34.75
N GLU B 227 23.24 7.22 33.96
CA GLU B 227 24.08 8.40 33.89
C GLU B 227 23.81 9.26 32.65
N GLY B 228 23.07 8.75 31.68
CA GLY B 228 22.70 9.54 30.51
C GLY B 228 23.85 9.98 29.64
N MET B 229 24.82 9.11 29.39
CA MET B 229 26.02 9.45 28.65
C MET B 229 26.26 8.40 27.57
N CYS B 230 26.84 8.82 26.46
CA CYS B 230 27.15 7.91 25.36
C CYS B 230 28.46 7.19 25.66
N ARG B 231 28.37 5.92 26.04
CA ARG B 231 29.57 5.15 26.34
C ARG B 231 30.43 4.94 25.11
N GLN B 232 29.83 4.46 24.02
CA GLN B 232 30.59 4.06 22.84
C GLN B 232 29.82 4.43 21.58
N THR B 233 30.57 4.66 20.50
CA THR B 233 30.01 4.95 19.19
C THR B 233 30.58 3.98 18.18
N PHE B 234 29.72 3.35 17.41
CA PHE B 234 30.08 2.34 16.41
C PHE B 234 29.67 2.85 15.04
N THR B 235 30.64 2.95 14.13
CA THR B 235 30.41 3.50 12.79
C THR B 235 31.03 2.55 11.77
N GLY B 236 30.18 1.77 11.10
CA GLY B 236 30.64 0.95 9.99
C GLY B 236 29.66 0.90 8.84
N HIS B 237 28.47 1.49 9.02
CA HIS B 237 27.47 1.52 7.97
C HIS B 237 27.64 2.76 7.10
N GLU B 238 27.24 2.63 5.83
CA GLU B 238 27.36 3.72 4.86
C GLU B 238 26.03 4.37 4.54
N SER B 239 24.96 4.03 5.25
CA SER B 239 23.66 4.64 5.05
C SER B 239 22.91 4.62 6.38
N ASP B 240 21.65 5.04 6.35
CA ASP B 240 20.86 5.14 7.58
C ASP B 240 20.67 3.79 8.22
N ILE B 241 20.85 3.73 9.53
CA ILE B 241 20.56 2.54 10.32
C ILE B 241 19.08 2.56 10.67
N ASN B 242 18.34 1.57 10.17
CA ASN B 242 16.89 1.52 10.36
C ASN B 242 16.47 0.67 11.55
N ALA B 243 17.25 -0.34 11.92
CA ALA B 243 16.87 -1.25 12.98
C ALA B 243 18.09 -1.63 13.81
N ILE B 244 17.84 -2.03 15.05
CA ILE B 244 18.90 -2.40 15.96
C ILE B 244 18.32 -3.38 16.98
N CYS B 245 19.14 -4.35 17.39
CA CYS B 245 18.69 -5.37 18.31
C CYS B 245 19.86 -5.82 19.17
N PHE B 246 19.58 -6.21 20.40
CA PHE B 246 20.63 -6.69 21.29
C PHE B 246 20.76 -8.20 21.21
N PHE B 247 22.00 -8.67 21.13
CA PHE B 247 22.29 -10.08 21.29
C PHE B 247 21.87 -10.51 22.70
N PRO B 248 21.37 -11.74 22.87
CA PRO B 248 20.89 -12.17 24.19
C PRO B 248 21.97 -12.17 25.26
N ASN B 249 23.25 -12.16 24.88
CA ASN B 249 24.31 -12.00 25.86
C ASN B 249 24.29 -10.61 26.49
N GLY B 250 23.89 -9.61 25.71
CA GLY B 250 24.00 -8.23 26.11
C GLY B 250 25.35 -7.61 25.85
N ASN B 251 26.28 -8.36 25.25
CA ASN B 251 27.63 -7.89 24.97
C ASN B 251 27.86 -7.65 23.48
N ALA B 252 26.82 -7.77 22.67
CA ALA B 252 26.91 -7.49 21.25
C ALA B 252 25.53 -7.04 20.77
N PHE B 253 25.50 -6.44 19.59
CA PHE B 253 24.24 -6.04 19.00
C PHE B 253 24.33 -6.09 17.49
N ALA B 254 23.17 -6.12 16.84
CA ALA B 254 23.06 -6.18 15.39
C ALA B 254 22.32 -4.94 14.89
N THR B 255 22.82 -4.36 13.80
CA THR B 255 22.22 -3.19 13.18
C THR B 255 21.83 -3.54 11.75
N GLY B 256 20.67 -3.07 11.33
CA GLY B 256 20.17 -3.24 9.98
C GLY B 256 19.96 -1.88 9.33
N SER B 257 20.61 -1.67 8.18
CA SER B 257 20.62 -0.40 7.49
C SER B 257 19.99 -0.56 6.12
N ASP B 258 19.83 0.56 5.41
CA ASP B 258 19.35 0.54 4.04
C ASP B 258 20.48 0.56 3.02
N ASP B 259 21.70 0.21 3.44
CA ASP B 259 22.76 -0.14 2.51
C ASP B 259 22.77 -1.62 2.17
N ALA B 260 21.65 -2.30 2.40
CA ALA B 260 21.49 -3.73 2.11
C ALA B 260 22.47 -4.59 2.88
N THR B 261 22.70 -4.22 4.15
CA THR B 261 23.69 -4.90 4.96
C THR B 261 23.26 -4.88 6.42
N CYS B 262 23.31 -6.04 7.07
CA CYS B 262 23.28 -6.14 8.52
C CYS B 262 24.70 -6.24 9.03
N ARG B 263 24.92 -5.73 10.24
CA ARG B 263 26.24 -5.76 10.85
C ARG B 263 26.12 -6.15 12.31
N LEU B 264 27.19 -6.71 12.85
CA LEU B 264 27.27 -7.13 14.24
C LEU B 264 28.42 -6.40 14.90
N PHE B 265 28.16 -5.83 16.07
CA PHE B 265 29.16 -5.08 16.81
C PHE B 265 29.28 -5.65 18.21
N ASP B 266 30.50 -5.68 18.75
CA ASP B 266 30.76 -6.17 20.09
C ASP B 266 31.10 -5.01 21.00
N LEU B 267 30.48 -4.97 22.18
CA LEU B 267 30.73 -3.87 23.11
C LEU B 267 32.15 -3.89 23.64
N ARG B 268 32.62 -5.05 24.11
CA ARG B 268 33.93 -5.11 24.74
C ARG B 268 35.05 -4.97 23.71
N ALA B 269 34.93 -5.64 22.57
CA ALA B 269 35.87 -5.41 21.47
C ALA B 269 35.74 -4.00 20.90
N ASP B 270 34.58 -3.36 21.11
CA ASP B 270 34.35 -1.98 20.68
C ASP B 270 34.53 -1.81 19.18
N GLN B 271 34.04 -2.79 18.41
CA GLN B 271 34.15 -2.70 16.96
C GLN B 271 33.23 -3.74 16.31
N GLU B 272 33.24 -3.73 14.98
CA GLU B 272 32.40 -4.61 14.18
C GLU B 272 33.08 -5.96 13.99
N LEU B 273 32.29 -7.03 14.05
CA LEU B 273 32.77 -8.38 13.86
C LEU B 273 32.33 -8.98 12.53
N MET B 274 31.05 -8.90 12.19
CA MET B 274 30.52 -9.58 11.02
C MET B 274 29.67 -8.62 10.20
N THR B 275 29.68 -8.85 8.89
CA THR B 275 28.86 -8.11 7.93
C THR B 275 28.00 -9.11 7.17
N TYR B 276 26.68 -8.98 7.31
CA TYR B 276 25.73 -9.89 6.67
C TYR B 276 25.20 -9.22 5.41
N SER B 277 25.69 -9.65 4.24
CA SER B 277 25.26 -9.07 2.99
C SER B 277 25.39 -10.11 1.88
N HIS B 278 24.61 -9.91 0.82
CA HIS B 278 24.65 -10.75 -0.36
C HIS B 278 24.64 -9.88 -1.61
N ASP B 279 25.19 -10.42 -2.70
CA ASP B 279 25.27 -9.67 -3.94
C ASP B 279 23.90 -9.35 -4.51
N ASN B 280 22.96 -10.29 -4.42
CA ASN B 280 21.63 -10.10 -4.99
C ASN B 280 20.68 -9.35 -4.07
N ILE B 281 21.12 -8.96 -2.88
CA ILE B 281 20.31 -8.20 -1.94
C ILE B 281 20.76 -6.75 -2.02
N ILE B 282 19.88 -5.87 -2.52
CA ILE B 282 20.20 -4.46 -2.66
C ILE B 282 19.19 -3.55 -1.96
N CYS B 283 18.07 -4.06 -1.50
CA CYS B 283 17.10 -3.24 -0.80
C CYS B 283 17.52 -3.02 0.65
N GLY B 284 16.77 -2.16 1.34
CA GLY B 284 17.10 -1.85 2.71
C GLY B 284 16.53 -2.84 3.71
N ILE B 285 17.11 -2.82 4.91
CA ILE B 285 16.64 -3.66 6.02
C ILE B 285 15.76 -2.81 6.92
N THR B 286 14.56 -3.31 7.22
CA THR B 286 13.60 -2.58 8.04
C THR B 286 13.63 -3.00 9.50
N SER B 287 14.01 -4.24 9.80
CA SER B 287 13.91 -4.77 11.15
C SER B 287 14.91 -5.91 11.31
N VAL B 288 15.39 -6.10 12.54
CA VAL B 288 16.27 -7.20 12.88
C VAL B 288 15.86 -7.77 14.24
N SER B 289 16.15 -9.05 14.42
CA SER B 289 15.95 -9.70 15.71
C SER B 289 16.84 -10.93 15.77
N PHE B 290 17.06 -11.42 16.98
CA PHE B 290 17.87 -12.60 17.21
C PHE B 290 16.97 -13.75 17.66
N SER B 291 17.41 -14.98 17.34
CA SER B 291 16.76 -16.16 17.87
C SER B 291 17.08 -16.30 19.35
N LYS B 292 16.52 -17.34 19.97
CA LYS B 292 16.65 -17.50 21.41
C LYS B 292 18.10 -17.64 21.85
N SER B 293 18.90 -18.38 21.09
CA SER B 293 20.30 -18.58 21.42
C SER B 293 21.22 -17.57 20.77
N GLY B 294 20.69 -16.69 19.92
CA GLY B 294 21.51 -15.77 19.17
C GLY B 294 22.25 -16.38 18.00
N ARG B 295 21.97 -17.64 17.67
CA ARG B 295 22.62 -18.26 16.52
C ARG B 295 22.06 -17.76 15.21
N LEU B 296 20.77 -17.44 15.18
CA LEU B 296 20.11 -16.94 13.99
C LEU B 296 19.82 -15.45 14.13
N LEU B 297 20.02 -14.72 13.04
CA LEU B 297 19.68 -13.30 12.95
C LEU B 297 18.65 -13.13 11.85
N LEU B 298 17.43 -12.78 12.22
CA LEU B 298 16.35 -12.59 11.26
C LEU B 298 16.25 -11.12 10.90
N ALA B 299 16.15 -10.82 9.60
CA ALA B 299 16.12 -9.45 9.12
C ALA B 299 15.03 -9.28 8.06
N GLY B 300 14.21 -8.25 8.23
CA GLY B 300 13.20 -7.92 7.25
C GLY B 300 13.72 -6.94 6.21
N TYR B 301 13.15 -7.02 5.01
CA TYR B 301 13.68 -6.29 3.86
C TYR B 301 12.56 -5.59 3.12
N ASP B 302 12.96 -4.60 2.31
CA ASP B 302 12.02 -3.89 1.45
C ASP B 302 11.46 -4.78 0.34
N ASP B 303 12.20 -5.81 -0.07
CA ASP B 303 11.80 -6.66 -1.18
C ASP B 303 10.79 -7.74 -0.77
N PHE B 304 10.07 -7.51 0.32
CA PHE B 304 8.91 -8.27 0.80
C PHE B 304 9.33 -9.55 1.52
N ASN B 305 10.61 -9.87 1.60
CA ASN B 305 11.08 -11.11 2.19
C ASN B 305 11.84 -10.85 3.49
N CYS B 306 11.91 -11.88 4.31
CA CYS B 306 12.74 -11.91 5.51
C CYS B 306 13.84 -12.94 5.32
N ASN B 307 15.04 -12.62 5.78
CA ASN B 307 16.19 -13.50 5.64
C ASN B 307 16.70 -13.91 7.02
N VAL B 308 16.96 -15.21 7.18
CA VAL B 308 17.53 -15.77 8.39
C VAL B 308 19.00 -16.05 8.12
N TRP B 309 19.88 -15.36 8.83
CA TRP B 309 21.32 -15.49 8.70
C TRP B 309 21.88 -16.30 9.85
N ASP B 310 22.91 -17.09 9.54
CA ASP B 310 23.72 -17.69 10.59
C ASP B 310 24.59 -16.60 11.21
N ALA B 311 24.37 -16.31 12.49
CA ALA B 311 25.02 -15.14 13.10
C ALA B 311 26.50 -15.38 13.36
N LEU B 312 26.98 -16.60 13.19
CA LEU B 312 28.39 -16.89 13.43
C LEU B 312 29.17 -17.12 12.15
N LYS B 313 28.51 -17.60 11.10
CA LYS B 313 29.17 -17.86 9.83
C LYS B 313 28.74 -16.92 8.72
N ALA B 314 27.72 -16.09 8.95
CA ALA B 314 27.25 -15.11 7.97
C ALA B 314 26.81 -15.77 6.67
N ASP B 315 25.90 -16.72 6.79
CA ASP B 315 25.33 -17.42 5.65
C ASP B 315 23.81 -17.36 5.72
N ARG B 316 23.17 -17.26 4.57
CA ARG B 316 21.70 -17.20 4.52
C ARG B 316 21.15 -18.57 4.87
N ALA B 317 20.76 -18.74 6.13
CA ALA B 317 20.19 -20.01 6.55
C ALA B 317 18.80 -20.22 5.95
N GLY B 318 18.00 -19.17 5.90
CA GLY B 318 16.63 -19.36 5.41
C GLY B 318 16.01 -18.10 4.86
N VAL B 319 14.83 -18.28 4.28
CA VAL B 319 14.02 -17.18 3.75
C VAL B 319 12.59 -17.40 4.19
N LEU B 320 11.96 -16.34 4.69
CA LEU B 320 10.52 -16.30 4.95
C LEU B 320 9.91 -15.38 3.89
N ALA B 321 9.15 -15.96 2.97
CA ALA B 321 8.51 -15.24 1.88
C ALA B 321 7.01 -15.49 1.96
N GLY B 322 6.28 -14.57 2.58
CA GLY B 322 4.84 -14.71 2.69
C GLY B 322 4.09 -13.40 2.64
N HIS B 323 4.77 -12.33 2.29
CA HIS B 323 4.17 -11.00 2.30
C HIS B 323 4.23 -10.39 0.90
N ASP B 324 3.14 -9.70 0.53
CA ASP B 324 3.04 -9.06 -0.78
C ASP B 324 3.54 -7.62 -0.77
N ASN B 325 3.92 -7.09 0.38
CA ASN B 325 4.49 -5.76 0.47
C ASN B 325 5.67 -5.79 1.43
N ARG B 326 6.26 -4.62 1.66
CA ARG B 326 7.49 -4.52 2.44
C ARG B 326 7.29 -5.03 3.86
N VAL B 327 8.20 -5.89 4.30
CA VAL B 327 8.20 -6.36 5.69
C VAL B 327 8.66 -5.22 6.57
N SER B 328 7.73 -4.63 7.32
CA SER B 328 8.04 -3.44 8.10
C SER B 328 8.61 -3.78 9.47
N CYS B 329 8.20 -4.90 10.07
CA CYS B 329 8.60 -5.20 11.43
C CYS B 329 8.66 -6.70 11.63
N LEU B 330 9.42 -7.11 12.65
CA LEU B 330 9.45 -8.51 13.03
C LEU B 330 9.90 -8.61 14.48
N GLY B 331 9.56 -9.74 15.10
CA GLY B 331 9.87 -9.97 16.49
C GLY B 331 9.85 -11.42 16.91
N VAL B 332 10.87 -11.84 17.63
CA VAL B 332 10.97 -13.22 18.12
C VAL B 332 10.41 -13.28 19.53
N THR B 333 9.65 -14.34 19.83
CA THR B 333 9.10 -14.51 21.15
C THR B 333 10.19 -14.70 22.19
N ASP B 334 9.85 -14.43 23.45
CA ASP B 334 10.81 -14.58 24.53
C ASP B 334 11.24 -16.04 24.71
N ASP B 335 10.30 -16.97 24.57
CA ASP B 335 10.63 -18.39 24.66
C ASP B 335 11.29 -18.93 23.39
N GLY B 336 11.42 -18.10 22.35
CA GLY B 336 12.11 -18.50 21.14
C GLY B 336 11.35 -19.44 20.23
N MET B 337 10.04 -19.59 20.42
CA MET B 337 9.30 -20.62 19.70
C MET B 337 8.78 -20.10 18.35
N ALA B 338 8.46 -18.81 18.28
CA ALA B 338 7.83 -18.27 17.09
C ALA B 338 8.45 -16.93 16.71
N VAL B 339 8.29 -16.56 15.44
CA VAL B 339 8.70 -15.26 14.94
C VAL B 339 7.49 -14.63 14.25
N ALA B 340 7.23 -13.37 14.55
CA ALA B 340 6.14 -12.62 13.94
C ALA B 340 6.69 -11.62 12.95
N THR B 341 6.07 -11.56 11.78
CA THR B 341 6.39 -10.56 10.76
C THR B 341 5.16 -9.70 10.49
N GLY B 342 5.39 -8.41 10.34
CA GLY B 342 4.33 -7.47 9.99
C GLY B 342 4.77 -6.65 8.78
N SER B 343 3.87 -6.51 7.81
CA SER B 343 4.21 -5.95 6.51
C SER B 343 3.26 -4.81 6.17
N TRP B 344 3.64 -4.07 5.13
CA TRP B 344 2.79 -3.00 4.62
C TRP B 344 1.52 -3.51 3.96
N ASP B 345 1.41 -4.81 3.72
CA ASP B 345 0.21 -5.38 3.11
C ASP B 345 -0.91 -5.64 4.12
N SER B 346 -0.74 -5.16 5.36
CA SER B 346 -1.76 -5.16 6.41
C SER B 346 -2.00 -6.53 7.03
N PHE B 347 -1.05 -7.45 6.95
CA PHE B 347 -1.20 -8.76 7.53
C PHE B 347 -0.03 -9.08 8.46
N LEU B 348 -0.30 -9.80 9.54
CA LEU B 348 0.74 -10.32 10.41
C LEU B 348 0.86 -11.82 10.20
N LYS B 349 2.07 -12.36 10.34
CA LYS B 349 2.27 -13.79 10.16
C LYS B 349 3.17 -14.34 11.25
N ILE B 350 2.75 -15.47 11.82
CA ILE B 350 3.50 -16.17 12.86
C ILE B 350 4.10 -17.42 12.25
N TRP B 351 5.44 -17.53 12.32
CA TRP B 351 6.21 -18.62 11.73
C TRP B 351 6.91 -19.40 12.82
N ASN B 352 7.03 -20.71 12.60
CA ASN B 352 7.85 -21.59 13.44
C ASN B 352 8.91 -22.27 12.59
N THR C 6 30.00 31.76 20.23
CA THR C 6 30.49 30.95 21.34
C THR C 6 29.90 29.54 21.28
N ALA C 7 28.95 29.33 20.36
CA ALA C 7 28.32 28.03 20.25
C ALA C 7 29.22 27.03 19.55
N SER C 8 29.95 27.47 18.52
CA SER C 8 30.81 26.55 17.77
C SER C 8 31.95 26.02 18.64
N ILE C 9 32.59 26.90 19.41
CA ILE C 9 33.69 26.46 20.26
C ILE C 9 33.17 25.56 21.38
N ALA C 10 31.99 25.88 21.93
CA ALA C 10 31.41 25.03 22.96
C ALA C 10 31.08 23.65 22.43
N GLN C 11 30.52 23.57 21.22
CA GLN C 11 30.21 22.28 20.62
C GLN C 11 31.50 21.50 20.32
N ALA C 12 32.54 22.19 19.86
CA ALA C 12 33.81 21.53 19.61
C ALA C 12 34.39 20.96 20.90
N ARG C 13 34.33 21.73 22.00
CA ARG C 13 34.81 21.24 23.28
C ARG C 13 33.99 20.05 23.77
N LYS C 14 32.68 20.10 23.57
CA LYS C 14 31.83 18.97 23.96
C LYS C 14 32.19 17.72 23.17
N LEU C 15 32.41 17.87 21.86
CA LEU C 15 32.82 16.73 21.05
C LEU C 15 34.17 16.20 21.50
N VAL C 16 35.09 17.09 21.87
CA VAL C 16 36.42 16.69 22.31
C VAL C 16 36.32 15.88 23.60
N GLU C 17 35.52 16.36 24.57
CA GLU C 17 35.40 15.63 25.82
C GLU C 17 34.67 14.31 25.64
N GLN C 18 33.67 14.25 24.74
CA GLN C 18 33.03 12.99 24.44
C GLN C 18 34.00 12.01 23.80
N LEU C 19 34.85 12.49 22.89
CA LEU C 19 35.86 11.64 22.28
C LEU C 19 36.85 11.12 23.31
N LYS C 20 37.24 11.97 24.26
CA LYS C 20 38.13 11.51 25.34
C LYS C 20 37.46 10.43 26.19
N MET C 21 36.19 10.63 26.54
CA MET C 21 35.46 9.64 27.32
C MET C 21 35.34 8.33 26.57
N GLU C 22 35.17 8.38 25.25
CA GLU C 22 35.12 7.16 24.46
C GLU C 22 36.49 6.51 24.32
N ALA C 23 37.56 7.31 24.29
CA ALA C 23 38.89 6.77 24.08
C ALA C 23 39.46 6.12 25.33
N ASN C 24 39.18 6.67 26.51
CA ASN C 24 39.80 6.15 27.74
C ASN C 24 38.97 4.98 28.28
N ILE C 25 38.81 3.97 27.44
CA ILE C 25 38.13 2.73 27.82
C ILE C 25 39.05 1.57 27.49
N ASP C 26 38.81 0.45 28.17
CA ASP C 26 39.63 -0.75 28.00
C ASP C 26 38.89 -1.74 27.11
N ARG C 27 39.59 -2.28 26.12
CA ARG C 27 39.00 -3.19 25.15
C ARG C 27 39.64 -4.56 25.24
N ILE C 28 38.84 -5.59 24.99
CA ILE C 28 39.33 -6.96 24.97
C ILE C 28 39.58 -7.37 23.52
N LYS C 29 40.23 -8.51 23.35
CA LYS C 29 40.58 -8.98 22.03
C LYS C 29 39.35 -9.45 21.26
N VAL C 30 39.39 -9.25 19.94
CA VAL C 30 38.31 -9.71 19.08
C VAL C 30 38.20 -11.22 19.11
N SER C 31 39.33 -11.92 19.23
CA SER C 31 39.27 -13.37 19.37
C SER C 31 38.54 -13.77 20.65
N LYS C 32 38.81 -13.07 21.75
CA LYS C 32 38.12 -13.34 23.00
C LYS C 32 36.62 -13.08 22.88
N ALA C 33 36.24 -11.97 22.24
CA ALA C 33 34.82 -11.67 22.06
C ALA C 33 34.12 -12.70 21.19
N ALA C 34 34.77 -13.11 20.09
CA ALA C 34 34.20 -14.13 19.22
C ALA C 34 34.07 -15.46 19.95
N ALA C 35 35.06 -15.81 20.78
CA ALA C 35 34.98 -17.03 21.56
C ALA C 35 33.81 -16.97 22.54
N ASP C 36 33.59 -15.82 23.17
CA ASP C 36 32.46 -15.68 24.07
C ASP C 36 31.13 -15.84 23.34
N LEU C 37 31.03 -15.25 22.14
CA LEU C 37 29.80 -15.40 21.37
C LEU C 37 29.56 -16.86 20.97
N MET C 38 30.60 -17.54 20.51
CA MET C 38 30.48 -18.96 20.18
C MET C 38 30.09 -19.77 21.40
N ALA C 39 30.69 -19.48 22.56
CA ALA C 39 30.37 -20.22 23.77
C ALA C 39 28.91 -20.03 24.16
N TYR C 40 28.40 -18.80 24.05
CA TYR C 40 26.99 -18.57 24.37
C TYR C 40 26.08 -19.34 23.43
N CYS C 41 26.37 -19.28 22.12
CA CYS C 41 25.54 -19.97 21.15
C CYS C 41 25.59 -21.48 21.33
N GLU C 42 26.74 -22.01 21.73
CA GLU C 42 26.85 -23.45 21.97
C GLU C 42 26.16 -23.86 23.27
N ALA C 43 26.23 -23.02 24.30
CA ALA C 43 25.60 -23.34 25.57
C ALA C 43 24.09 -23.20 25.54
N HIS C 44 23.54 -22.43 24.61
CA HIS C 44 22.09 -22.28 24.52
C HIS C 44 21.54 -22.86 23.21
N ALA C 45 22.29 -23.73 22.55
CA ALA C 45 21.87 -24.23 21.25
C ALA C 45 20.68 -25.17 21.36
N LYS C 46 20.57 -25.90 22.47
CA LYS C 46 19.53 -26.91 22.59
C LYS C 46 18.16 -26.29 22.85
N GLU C 47 18.11 -25.23 23.66
CA GLU C 47 16.85 -24.57 23.95
C GLU C 47 16.59 -23.40 23.01
N ASP C 48 16.72 -23.64 21.71
CA ASP C 48 16.43 -22.65 20.68
C ASP C 48 15.48 -23.29 19.68
N PRO C 49 14.17 -23.17 19.88
CA PRO C 49 13.22 -23.86 19.01
C PRO C 49 13.33 -23.51 17.53
N LEU C 50 13.63 -22.26 17.20
CA LEU C 50 13.77 -21.89 15.79
C LEU C 50 15.01 -22.53 15.19
N LEU C 51 16.09 -22.62 15.96
CA LEU C 51 17.30 -23.28 15.48
C LEU C 51 17.14 -24.79 15.50
N THR C 52 16.43 -25.32 16.50
CA THR C 52 16.23 -26.76 16.66
C THR C 52 14.74 -27.06 16.63
N PRO C 53 14.20 -27.48 15.48
CA PRO C 53 12.74 -27.71 15.40
C PRO C 53 12.28 -28.74 16.43
N VAL C 54 11.11 -28.48 16.99
CA VAL C 54 10.57 -29.27 18.09
C VAL C 54 9.38 -30.08 17.60
N PRO C 55 9.04 -31.20 18.25
CA PRO C 55 7.85 -31.95 17.83
C PRO C 55 6.58 -31.15 18.02
N ALA C 56 5.60 -31.42 17.16
CA ALA C 56 4.36 -30.66 17.17
C ALA C 56 3.62 -30.76 18.51
N SER C 57 3.80 -31.86 19.24
CA SER C 57 3.14 -32.00 20.53
C SER C 57 3.63 -30.94 21.52
N GLU C 58 4.86 -30.46 21.33
CA GLU C 58 5.40 -29.39 22.15
C GLU C 58 5.34 -28.03 21.45
N ASN C 59 4.60 -27.94 20.35
CA ASN C 59 4.54 -26.69 19.59
C ASN C 59 3.18 -25.99 19.76
N PRO C 60 3.18 -24.81 20.39
CA PRO C 60 1.89 -24.14 20.64
C PRO C 60 1.23 -23.66 19.36
N PHE C 61 1.97 -23.53 18.27
CA PHE C 61 1.44 -23.06 17.00
C PHE C 61 1.27 -24.19 15.99
N ARG C 62 1.25 -25.44 16.47
CA ARG C 62 1.07 -26.62 15.63
C ARG C 62 2.10 -26.69 14.50
N THR D 76 -19.61 -37.45 -41.81
CA THR D 76 -19.52 -38.24 -40.59
C THR D 76 -18.07 -38.61 -40.28
N VAL D 77 -17.44 -39.36 -41.19
CA VAL D 77 -16.06 -39.78 -40.97
C VAL D 77 -15.11 -38.60 -41.07
N SER D 78 -15.37 -37.68 -42.02
CA SER D 78 -14.47 -36.56 -42.27
C SER D 78 -15.04 -35.22 -41.82
N TYR D 79 -16.24 -35.19 -41.25
CA TYR D 79 -16.89 -33.96 -40.83
C TYR D 79 -17.19 -33.90 -39.35
N GLN D 80 -17.78 -34.96 -38.79
CA GLN D 80 -18.10 -34.96 -37.37
C GLN D 80 -16.85 -34.88 -36.52
N VAL D 81 -15.75 -35.49 -36.95
CA VAL D 81 -14.52 -35.48 -36.15
C VAL D 81 -13.98 -34.05 -36.03
N ILE D 82 -13.87 -33.34 -37.15
CA ILE D 82 -13.33 -31.98 -37.11
C ILE D 82 -14.30 -31.04 -36.41
N THR D 83 -15.61 -31.23 -36.62
CA THR D 83 -16.59 -30.41 -35.92
C THR D 83 -16.48 -30.59 -34.41
N SER D 84 -16.36 -31.85 -33.96
CA SER D 84 -16.24 -32.12 -32.54
C SER D 84 -14.94 -31.56 -31.99
N LEU D 85 -13.84 -31.67 -32.74
CA LEU D 85 -12.58 -31.13 -32.28
C LEU D 85 -12.66 -29.61 -32.09
N LEU D 86 -13.22 -28.92 -33.09
CA LEU D 86 -13.33 -27.47 -32.99
C LEU D 86 -14.24 -27.05 -31.83
N LEU D 87 -15.41 -27.68 -31.72
CA LEU D 87 -16.34 -27.30 -30.65
C LEU D 87 -15.77 -27.61 -29.27
N GLY D 88 -15.11 -28.77 -29.13
CA GLY D 88 -14.50 -29.10 -27.84
C GLY D 88 -13.38 -28.15 -27.49
N THR D 89 -12.56 -27.76 -28.47
CA THR D 89 -11.52 -26.77 -28.21
C THR D 89 -12.13 -25.45 -27.75
N LEU D 90 -13.20 -25.01 -28.41
CA LEU D 90 -13.84 -23.75 -28.02
C LEU D 90 -14.40 -23.84 -26.61
N ILE D 91 -15.09 -24.94 -26.30
CA ILE D 91 -15.69 -25.10 -24.97
C ILE D 91 -14.60 -25.13 -23.91
N PHE D 92 -13.52 -25.87 -24.16
CA PHE D 92 -12.44 -25.95 -23.18
C PHE D 92 -11.79 -24.60 -22.96
N CYS D 93 -11.54 -23.85 -24.03
CA CYS D 93 -10.94 -22.53 -23.89
C CYS D 93 -11.85 -21.59 -23.11
N ALA D 94 -13.15 -21.61 -23.39
CA ALA D 94 -14.07 -20.74 -22.68
C ALA D 94 -14.12 -21.09 -21.20
N VAL D 95 -14.21 -22.38 -20.88
CA VAL D 95 -14.24 -22.81 -19.49
C VAL D 95 -12.96 -22.39 -18.78
N LEU D 96 -11.81 -22.60 -19.43
CA LEU D 96 -10.53 -22.26 -18.83
C LEU D 96 -10.41 -20.77 -18.56
N GLY D 97 -10.79 -19.94 -19.54
CA GLY D 97 -10.69 -18.50 -19.34
C GLY D 97 -11.57 -17.99 -18.23
N ASN D 98 -12.84 -18.43 -18.23
CA ASN D 98 -13.76 -17.97 -17.18
C ASN D 98 -13.32 -18.46 -15.81
N ALA D 99 -12.88 -19.72 -15.71
CA ALA D 99 -12.42 -20.25 -14.44
C ALA D 99 -11.18 -19.52 -13.95
N CYS D 100 -10.27 -19.17 -14.86
CA CYS D 100 -9.08 -18.42 -14.47
C CYS D 100 -9.46 -17.04 -13.94
N VAL D 101 -10.42 -16.38 -14.59
CA VAL D 101 -10.86 -15.06 -14.11
C VAL D 101 -11.46 -15.18 -12.71
N VAL D 102 -12.35 -16.15 -12.52
CA VAL D 102 -12.99 -16.32 -11.21
C VAL D 102 -11.95 -16.65 -10.14
N ALA D 103 -10.98 -17.51 -10.48
CA ALA D 103 -9.95 -17.89 -9.53
C ALA D 103 -9.07 -16.69 -9.16
N ALA D 104 -8.69 -15.89 -10.15
CA ALA D 104 -7.87 -14.72 -9.87
C ALA D 104 -8.60 -13.75 -8.94
N ILE D 105 -9.89 -13.53 -9.19
CA ILE D 105 -10.64 -12.62 -8.33
C ILE D 105 -10.80 -13.19 -6.92
N ALA D 106 -10.99 -14.51 -6.82
CA ALA D 106 -11.18 -15.11 -5.50
C ALA D 106 -9.87 -15.23 -4.73
N LEU D 107 -8.74 -15.18 -5.43
CA LEU D 107 -7.44 -15.36 -4.76
C LEU D 107 -6.77 -14.02 -4.43
N GLU D 108 -6.57 -13.18 -5.45
CA GLU D 108 -5.83 -11.94 -5.23
C GLU D 108 -6.72 -10.86 -4.61
N ARG D 109 -6.25 -10.26 -3.52
CA ARG D 109 -6.98 -9.20 -2.85
C ARG D 109 -6.97 -7.88 -3.60
N SER D 110 -6.00 -7.68 -4.50
CA SER D 110 -5.97 -6.47 -5.30
C SER D 110 -7.05 -6.44 -6.38
N LEU D 111 -7.76 -7.55 -6.59
CA LEU D 111 -8.84 -7.64 -7.57
C LEU D 111 -10.20 -7.73 -6.90
N GLN D 112 -10.36 -7.19 -5.69
CA GLN D 112 -11.60 -7.33 -4.94
C GLN D 112 -12.20 -5.95 -4.72
N ASN D 113 -13.02 -5.52 -5.68
CA ASN D 113 -13.78 -4.28 -5.60
C ASN D 113 -15.05 -4.47 -6.41
N VAL D 114 -15.90 -3.44 -6.45
CA VAL D 114 -17.23 -3.58 -7.04
C VAL D 114 -17.14 -3.91 -8.53
N ALA D 115 -16.26 -3.21 -9.24
CA ALA D 115 -16.14 -3.42 -10.69
C ALA D 115 -15.69 -4.85 -10.99
N ASN D 116 -14.66 -5.33 -10.27
CA ASN D 116 -14.20 -6.69 -10.50
C ASN D 116 -15.22 -7.72 -10.02
N TYR D 117 -16.06 -7.37 -9.04
CA TYR D 117 -17.13 -8.27 -8.65
C TYR D 117 -18.14 -8.43 -9.76
N LEU D 118 -18.51 -7.34 -10.42
CA LEU D 118 -19.39 -7.44 -11.59
C LEU D 118 -18.72 -8.23 -12.71
N ILE D 119 -17.44 -7.98 -12.95
CA ILE D 119 -16.72 -8.71 -14.01
C ILE D 119 -16.65 -10.20 -13.70
N GLY D 120 -16.37 -10.54 -12.44
CA GLY D 120 -16.34 -11.94 -12.05
C GLY D 120 -17.70 -12.60 -12.08
N SER D 121 -18.76 -11.85 -11.79
CA SER D 121 -20.10 -12.40 -11.95
C SER D 121 -20.40 -12.67 -13.42
N LEU D 122 -19.96 -11.79 -14.31
CA LEU D 122 -20.07 -12.06 -15.75
C LEU D 122 -19.29 -13.31 -16.12
N ALA D 123 -18.10 -13.47 -15.54
CA ALA D 123 -17.29 -14.66 -15.80
C ALA D 123 -18.00 -15.92 -15.30
N VAL D 124 -18.66 -15.82 -14.15
CA VAL D 124 -19.42 -16.97 -13.63
C VAL D 124 -20.58 -17.31 -14.56
N THR D 125 -21.28 -16.29 -15.05
CA THR D 125 -22.38 -16.55 -15.99
C THR D 125 -21.87 -17.20 -17.27
N ASP D 126 -20.74 -16.72 -17.80
CA ASP D 126 -20.18 -17.30 -19.01
C ASP D 126 -19.68 -18.72 -18.75
N LEU D 127 -19.14 -18.98 -17.56
CA LEU D 127 -18.74 -20.33 -17.20
C LEU D 127 -19.94 -21.26 -17.12
N MET D 128 -21.05 -20.78 -16.56
CA MET D 128 -22.27 -21.56 -16.54
C MET D 128 -22.74 -21.87 -17.95
N VAL D 129 -22.68 -20.88 -18.84
CA VAL D 129 -22.95 -21.12 -20.26
C VAL D 129 -22.09 -22.27 -20.76
N SER D 130 -20.77 -22.11 -20.68
CA SER D 130 -19.84 -23.07 -21.25
C SER D 130 -19.93 -24.45 -20.61
N VAL D 131 -20.44 -24.54 -19.39
CA VAL D 131 -20.54 -25.83 -18.71
C VAL D 131 -21.86 -26.52 -19.00
N LEU D 132 -22.98 -25.78 -19.00
CA LEU D 132 -24.29 -26.39 -19.12
C LEU D 132 -24.79 -26.39 -20.56
N VAL D 133 -24.78 -25.23 -21.21
CA VAL D 133 -25.44 -25.09 -22.51
C VAL D 133 -24.52 -25.54 -23.64
N LEU D 134 -23.27 -25.10 -23.61
CA LEU D 134 -22.35 -25.38 -24.71
C LEU D 134 -22.13 -26.86 -24.99
N PRO D 135 -21.99 -27.75 -24.00
CA PRO D 135 -21.82 -29.18 -24.35
C PRO D 135 -23.00 -29.77 -25.10
N MET D 136 -24.23 -29.53 -24.63
CA MET D 136 -25.40 -30.04 -25.33
C MET D 136 -25.53 -29.43 -26.72
N ALA D 137 -25.25 -28.13 -26.85
CA ALA D 137 -25.28 -27.49 -28.16
C ALA D 137 -24.24 -28.09 -29.10
N ALA D 138 -23.06 -28.38 -28.59
CA ALA D 138 -22.02 -28.99 -29.43
C ALA D 138 -22.42 -30.41 -29.85
N LEU D 139 -23.02 -31.17 -28.95
CA LEU D 139 -23.50 -32.50 -29.32
C LEU D 139 -24.59 -32.40 -30.39
N TYR D 140 -25.51 -31.45 -30.22
CA TYR D 140 -26.52 -31.19 -31.25
C TYR D 140 -25.88 -30.85 -32.59
N GLN D 141 -24.87 -30.00 -32.58
CA GLN D 141 -24.21 -29.60 -33.82
C GLN D 141 -23.52 -30.79 -34.49
N VAL D 142 -22.80 -31.59 -33.72
CA VAL D 142 -22.03 -32.69 -34.32
C VAL D 142 -22.96 -33.79 -34.82
N LEU D 143 -24.04 -34.08 -34.10
CA LEU D 143 -24.93 -35.15 -34.53
C LEU D 143 -26.01 -34.68 -35.49
N ASN D 144 -26.14 -33.37 -35.71
CA ASN D 144 -27.19 -32.78 -36.55
C ASN D 144 -28.58 -33.23 -36.11
N LYS D 145 -28.74 -33.54 -34.83
CA LYS D 145 -29.99 -34.10 -34.33
C LYS D 145 -29.99 -34.01 -32.82
N TRP D 146 -31.19 -33.85 -32.25
CA TRP D 146 -31.36 -33.84 -30.80
C TRP D 146 -31.72 -35.25 -30.34
N THR D 147 -30.90 -35.83 -29.47
CA THR D 147 -31.06 -37.21 -29.04
C THR D 147 -31.36 -37.35 -27.55
N LEU D 148 -31.51 -36.25 -26.83
CA LEU D 148 -31.56 -36.29 -25.37
C LEU D 148 -32.98 -36.29 -24.81
N GLY D 149 -34.00 -36.20 -25.66
CA GLY D 149 -35.38 -36.28 -25.21
C GLY D 149 -36.03 -34.92 -25.06
N GLN D 150 -37.36 -34.96 -24.88
CA GLN D 150 -38.13 -33.72 -24.84
C GLN D 150 -37.90 -32.95 -23.54
N VAL D 151 -37.83 -33.65 -22.41
CA VAL D 151 -37.58 -32.98 -21.14
C VAL D 151 -36.21 -32.32 -21.14
N THR D 152 -35.19 -33.03 -21.65
CA THR D 152 -33.86 -32.44 -21.76
C THR D 152 -33.85 -31.28 -22.74
N CYS D 153 -34.65 -31.35 -23.81
CA CYS D 153 -34.74 -30.22 -24.73
C CYS D 153 -35.31 -28.99 -24.04
N ASP D 154 -36.38 -29.17 -23.27
CA ASP D 154 -36.96 -28.05 -22.55
C ASP D 154 -35.98 -27.47 -21.54
N LEU D 155 -35.29 -28.33 -20.79
CA LEU D 155 -34.31 -27.85 -19.83
C LEU D 155 -33.17 -27.11 -20.53
N PHE D 156 -32.73 -27.61 -21.68
CA PHE D 156 -31.65 -26.96 -22.43
C PHE D 156 -32.09 -25.59 -22.93
N ILE D 157 -33.32 -25.49 -23.44
CA ILE D 157 -33.80 -24.20 -23.92
C ILE D 157 -33.88 -23.20 -22.75
N ALA D 158 -34.41 -23.65 -21.61
CA ALA D 158 -34.51 -22.77 -20.46
C ALA D 158 -33.14 -22.31 -19.99
N LEU D 159 -32.17 -23.22 -19.91
CA LEU D 159 -30.83 -22.85 -19.47
C LEU D 159 -30.17 -21.91 -20.46
N ASP D 160 -30.33 -22.17 -21.75
CA ASP D 160 -29.75 -21.30 -22.78
C ASP D 160 -30.31 -19.88 -22.66
N VAL D 161 -31.63 -19.76 -22.57
CA VAL D 161 -32.25 -18.45 -22.46
C VAL D 161 -31.77 -17.74 -21.19
N LEU D 162 -31.84 -18.43 -20.05
CA LEU D 162 -31.47 -17.82 -18.78
C LEU D 162 -30.03 -17.34 -18.79
N CYS D 163 -29.11 -18.20 -19.22
CA CYS D 163 -27.69 -17.86 -19.15
C CYS D 163 -27.31 -16.78 -20.15
N CYS D 164 -27.83 -16.84 -21.38
CA CYS D 164 -27.52 -15.79 -22.34
C CYS D 164 -28.09 -14.45 -21.94
N THR D 165 -29.33 -14.43 -21.43
CA THR D 165 -29.92 -13.19 -20.94
C THR D 165 -29.11 -12.62 -19.80
N SER D 166 -28.68 -13.49 -18.87
CA SER D 166 -27.88 -13.03 -17.74
C SER D 166 -26.54 -12.46 -18.20
N SER D 167 -25.92 -13.09 -19.19
CA SER D 167 -24.65 -12.58 -19.71
C SER D 167 -24.81 -11.19 -20.31
N ILE D 168 -25.84 -11.01 -21.15
CA ILE D 168 -26.03 -9.72 -21.80
C ILE D 168 -26.36 -8.64 -20.77
N TRP D 169 -27.23 -8.95 -19.80
CA TRP D 169 -27.53 -7.95 -18.79
C TRP D 169 -26.38 -7.74 -17.80
N HIS D 170 -25.45 -8.70 -17.69
CA HIS D 170 -24.21 -8.43 -16.96
C HIS D 170 -23.37 -7.40 -17.68
N LEU D 171 -23.30 -7.49 -19.00
CA LEU D 171 -22.66 -6.43 -19.77
C LEU D 171 -23.32 -5.08 -19.50
N CYS D 172 -24.66 -5.07 -19.47
CA CYS D 172 -25.38 -3.83 -19.19
C CYS D 172 -25.08 -3.29 -17.80
N ALA D 173 -25.02 -4.17 -16.80
CA ALA D 173 -24.73 -3.76 -15.43
C ALA D 173 -23.33 -3.18 -15.33
N ILE D 174 -22.36 -3.79 -15.99
CA ILE D 174 -21.00 -3.26 -16.02
C ILE D 174 -20.99 -1.87 -16.63
N ALA D 175 -21.70 -1.69 -17.75
CA ALA D 175 -21.76 -0.38 -18.39
C ALA D 175 -22.39 0.66 -17.47
N LEU D 176 -23.47 0.29 -16.78
CA LEU D 176 -24.16 1.22 -15.90
C LEU D 176 -23.29 1.61 -14.71
N ASP D 177 -22.58 0.64 -14.13
CA ASP D 177 -21.67 0.96 -13.03
C ASP D 177 -20.56 1.88 -13.49
N ARG D 178 -19.99 1.64 -14.67
CA ARG D 178 -18.97 2.54 -15.19
C ARG D 178 -19.53 3.93 -15.43
N TYR D 179 -20.75 4.01 -15.95
CA TYR D 179 -21.38 5.31 -16.19
C TYR D 179 -21.55 6.09 -14.90
N TRP D 180 -22.02 5.42 -13.84
CA TRP D 180 -22.17 6.10 -12.55
C TRP D 180 -20.81 6.51 -11.99
N ALA D 181 -19.80 5.65 -12.11
CA ALA D 181 -18.49 5.98 -11.57
C ALA D 181 -17.85 7.15 -12.30
N ILE D 182 -18.11 7.29 -13.61
CA ILE D 182 -17.50 8.36 -14.38
C ILE D 182 -18.28 9.67 -14.22
N THR D 183 -19.61 9.61 -14.08
CA THR D 183 -20.41 10.82 -14.07
C THR D 183 -20.77 11.32 -12.66
N ASP D 184 -20.60 10.49 -11.62
CA ASP D 184 -20.96 10.86 -10.26
C ASP D 184 -19.84 10.47 -9.29
N PRO D 185 -18.76 11.25 -9.26
CA PRO D 185 -17.69 10.97 -8.28
C PRO D 185 -18.15 11.06 -6.84
N ILE D 186 -19.13 11.92 -6.53
CA ILE D 186 -19.64 12.02 -5.17
C ILE D 186 -20.29 10.72 -4.75
N ASP D 187 -21.14 10.16 -5.61
CA ASP D 187 -21.75 8.87 -5.34
C ASP D 187 -20.68 7.79 -5.25
N TYR D 188 -19.68 7.84 -6.13
CA TYR D 188 -18.59 6.87 -6.10
C TYR D 188 -17.91 6.85 -4.73
N VAL D 189 -17.60 8.03 -4.20
CA VAL D 189 -16.92 8.11 -2.92
C VAL D 189 -17.85 7.71 -1.77
N ASN D 190 -19.07 8.22 -1.76
CA ASN D 190 -19.93 8.11 -0.58
C ASN D 190 -20.84 6.89 -0.56
N LYS D 191 -21.61 6.65 -1.62
CA LYS D 191 -22.68 5.66 -1.57
C LYS D 191 -22.43 4.40 -2.40
N ARG D 192 -21.22 4.21 -2.93
CA ARG D 192 -20.93 3.04 -3.74
C ARG D 192 -20.32 1.95 -2.88
N THR D 193 -21.00 0.81 -2.81
CA THR D 193 -20.63 -0.31 -1.95
C THR D 193 -20.79 -1.60 -2.74
N PRO D 194 -20.21 -2.70 -2.26
CA PRO D 194 -20.46 -4.00 -2.91
C PRO D 194 -21.92 -4.43 -2.87
N ARG D 195 -22.72 -3.85 -1.97
CA ARG D 195 -24.16 -4.08 -1.99
C ARG D 195 -24.76 -3.68 -3.33
N ARG D 196 -24.22 -2.63 -3.96
CA ARG D 196 -24.70 -2.24 -5.28
C ARG D 196 -24.42 -3.31 -6.32
N ALA D 197 -23.22 -3.91 -6.28
CA ALA D 197 -22.91 -5.00 -7.20
C ALA D 197 -23.82 -6.19 -6.96
N ALA D 198 -24.09 -6.49 -5.68
CA ALA D 198 -25.00 -7.59 -5.38
C ALA D 198 -26.39 -7.33 -5.94
N ALA D 199 -26.89 -6.10 -5.79
CA ALA D 199 -28.20 -5.76 -6.33
C ALA D 199 -28.22 -5.84 -7.85
N LEU D 200 -27.15 -5.38 -8.50
CA LEU D 200 -27.09 -5.46 -9.96
C LEU D 200 -27.10 -6.90 -10.44
N ILE D 201 -26.31 -7.77 -9.81
CA ILE D 201 -26.28 -9.18 -10.20
C ILE D 201 -27.63 -9.84 -9.97
N SER D 202 -28.26 -9.53 -8.83
CA SER D 202 -29.57 -10.11 -8.55
C SER D 202 -30.60 -9.67 -9.58
N LEU D 203 -30.58 -8.39 -9.96
CA LEU D 203 -31.51 -7.91 -10.98
C LEU D 203 -31.26 -8.58 -12.33
N THR D 204 -29.98 -8.76 -12.68
CA THR D 204 -29.65 -9.44 -13.93
C THR D 204 -30.22 -10.86 -13.95
N TRP D 205 -30.01 -11.61 -12.87
CA TRP D 205 -30.53 -12.98 -12.83
C TRP D 205 -32.05 -13.01 -12.78
N LEU D 206 -32.67 -12.02 -12.13
CA LEU D 206 -34.13 -11.94 -12.14
C LEU D 206 -34.66 -11.71 -13.55
N ILE D 207 -34.00 -10.85 -14.32
CA ILE D 207 -34.41 -10.64 -15.70
C ILE D 207 -34.23 -11.92 -16.51
N GLY D 208 -33.14 -12.64 -16.27
CA GLY D 208 -32.94 -13.92 -16.94
C GLY D 208 -34.08 -14.89 -16.64
N PHE D 209 -34.47 -15.00 -15.36
CA PHE D 209 -35.58 -15.87 -15.01
C PHE D 209 -36.88 -15.42 -15.67
N LEU D 210 -37.11 -14.11 -15.71
CA LEU D 210 -38.33 -13.60 -16.33
C LEU D 210 -38.38 -13.92 -17.82
N ILE D 211 -37.22 -13.91 -18.48
CA ILE D 211 -37.19 -14.22 -19.90
C ILE D 211 -37.32 -15.72 -20.14
N SER D 212 -36.83 -16.53 -19.19
CA SER D 212 -36.81 -17.97 -19.40
C SER D 212 -38.07 -18.69 -18.93
N ILE D 213 -38.87 -18.08 -18.07
CA ILE D 213 -40.04 -18.74 -17.48
C ILE D 213 -41.23 -18.92 -18.42
N PRO D 214 -41.53 -18.01 -19.34
CA PRO D 214 -42.76 -18.16 -20.15
C PRO D 214 -42.82 -19.49 -20.90
N PRO D 215 -41.72 -20.01 -21.46
CA PRO D 215 -41.80 -21.35 -22.05
C PRO D 215 -42.18 -22.43 -21.07
N MET D 216 -41.76 -22.32 -19.81
CA MET D 216 -42.11 -23.33 -18.82
C MET D 216 -43.55 -23.18 -18.37
N LEU D 217 -44.05 -21.95 -18.31
CA LEU D 217 -45.43 -21.72 -17.91
C LEU D 217 -46.42 -21.85 -19.07
N GLY D 218 -45.93 -22.03 -20.29
CA GLY D 218 -46.79 -22.28 -21.43
C GLY D 218 -47.09 -21.08 -22.30
N TRP D 219 -46.84 -19.87 -21.80
CA TRP D 219 -47.12 -18.63 -22.55
C TRP D 219 -48.59 -18.59 -22.98
N ARG D 220 -49.47 -18.58 -21.99
CA ARG D 220 -50.90 -18.55 -22.25
C ARG D 220 -51.42 -17.12 -22.36
N SER D 226 -44.87 -32.26 -32.55
CA SER D 226 -43.67 -31.52 -32.93
C SER D 226 -42.62 -32.47 -33.51
N ASP D 227 -41.40 -31.96 -33.65
CA ASP D 227 -40.30 -32.74 -34.19
C ASP D 227 -39.46 -33.30 -33.05
N PRO D 228 -39.39 -34.63 -32.87
CA PRO D 228 -38.58 -35.19 -31.80
C PRO D 228 -37.09 -35.18 -32.06
N ASP D 229 -36.66 -35.02 -33.30
CA ASP D 229 -35.25 -35.03 -33.66
C ASP D 229 -34.61 -33.64 -33.59
N ALA D 230 -35.36 -32.62 -33.22
CA ALA D 230 -34.83 -31.26 -33.15
C ALA D 230 -35.32 -30.59 -31.88
N CYS D 231 -34.46 -29.72 -31.34
CA CYS D 231 -34.80 -28.90 -30.18
C CYS D 231 -34.79 -27.44 -30.62
N THR D 232 -35.96 -26.82 -30.66
CA THR D 232 -36.12 -25.48 -31.18
C THR D 232 -36.94 -24.64 -30.21
N ILE D 233 -36.54 -23.38 -30.03
CA ILE D 233 -37.27 -22.48 -29.18
C ILE D 233 -38.64 -22.16 -29.80
N SER D 234 -39.57 -21.72 -28.96
CA SER D 234 -40.93 -21.44 -29.42
C SER D 234 -40.92 -20.34 -30.48
N LYS D 235 -41.75 -20.52 -31.50
CA LYS D 235 -41.84 -19.59 -32.62
C LYS D 235 -43.08 -18.70 -32.55
N ASP D 236 -43.75 -18.63 -31.40
CA ASP D 236 -44.85 -17.71 -31.24
C ASP D 236 -44.36 -16.28 -31.43
N HIS D 237 -45.15 -15.46 -32.12
CA HIS D 237 -44.71 -14.11 -32.44
C HIS D 237 -44.60 -13.25 -31.18
N GLY D 238 -45.57 -13.37 -30.27
CA GLY D 238 -45.53 -12.57 -29.05
C GLY D 238 -44.32 -12.90 -28.20
N TYR D 239 -44.07 -14.20 -27.99
CA TYR D 239 -42.90 -14.60 -27.22
C TYR D 239 -41.60 -14.27 -27.95
N THR D 240 -41.60 -14.32 -29.29
CA THR D 240 -40.41 -13.94 -30.04
C THR D 240 -40.05 -12.49 -29.79
N ILE D 241 -41.02 -11.59 -29.92
CA ILE D 241 -40.78 -10.18 -29.65
C ILE D 241 -40.34 -10.00 -28.20
N TYR D 242 -41.06 -10.64 -27.26
CA TYR D 242 -40.77 -10.50 -25.85
C TYR D 242 -39.33 -10.90 -25.53
N SER D 243 -38.94 -12.10 -25.95
CA SER D 243 -37.60 -12.62 -25.63
C SER D 243 -36.52 -11.80 -26.32
N THR D 244 -36.67 -11.56 -27.63
CA THR D 244 -35.63 -10.83 -28.35
C THR D 244 -35.42 -9.43 -27.79
N PHE D 245 -36.50 -8.70 -27.51
CA PHE D 245 -36.34 -7.34 -27.02
C PHE D 245 -35.91 -7.30 -25.56
N GLY D 246 -36.39 -8.21 -24.72
CA GLY D 246 -35.96 -8.21 -23.34
C GLY D 246 -34.60 -8.83 -23.10
N ALA D 247 -34.01 -9.47 -24.11
CA ALA D 247 -32.71 -10.08 -23.94
C ALA D 247 -31.60 -9.40 -24.73
N PHE D 248 -31.90 -8.79 -25.88
CA PHE D 248 -30.83 -8.20 -26.67
C PHE D 248 -31.09 -6.76 -27.08
N TYR D 249 -32.32 -6.39 -27.43
CA TYR D 249 -32.51 -5.09 -28.09
C TYR D 249 -32.57 -3.95 -27.09
N ILE D 250 -33.36 -4.09 -26.03
CA ILE D 250 -33.32 -3.12 -24.94
C ILE D 250 -31.94 -3.04 -24.30
N PRO D 251 -31.26 -4.16 -23.99
CA PRO D 251 -29.87 -4.05 -23.52
C PRO D 251 -28.94 -3.36 -24.52
N LEU D 252 -29.11 -3.60 -25.81
CA LEU D 252 -28.27 -2.95 -26.81
C LEU D 252 -28.49 -1.44 -26.80
N LEU D 253 -29.76 -1.02 -26.72
CA LEU D 253 -30.06 0.41 -26.63
C LEU D 253 -29.44 1.02 -25.38
N LEU D 254 -29.57 0.33 -24.24
CA LEU D 254 -29.00 0.85 -23.00
C LEU D 254 -27.48 0.96 -23.10
N MET D 255 -26.83 -0.05 -23.67
CA MET D 255 -25.38 -0.01 -23.82
C MET D 255 -24.95 1.13 -24.73
N LEU D 256 -25.66 1.33 -25.86
CA LEU D 256 -25.33 2.42 -26.75
C LEU D 256 -25.47 3.77 -26.07
N VAL D 257 -26.57 3.97 -25.34
CA VAL D 257 -26.80 5.25 -24.66
C VAL D 257 -25.72 5.48 -23.60
N LEU D 258 -25.49 4.47 -22.75
CA LEU D 258 -24.56 4.63 -21.64
C LEU D 258 -23.14 4.88 -22.15
N TYR D 259 -22.70 4.12 -23.15
CA TYR D 259 -21.35 4.32 -23.63
C TYR D 259 -21.22 5.56 -24.50
N GLY D 260 -22.30 6.05 -25.11
CA GLY D 260 -22.24 7.36 -25.74
C GLY D 260 -22.05 8.48 -24.73
N ARG D 261 -22.80 8.43 -23.62
CA ARG D 261 -22.60 9.42 -22.57
C ARG D 261 -21.21 9.32 -21.97
N ILE D 262 -20.73 8.09 -21.77
CA ILE D 262 -19.38 7.88 -21.25
C ILE D 262 -18.34 8.43 -22.22
N PHE D 263 -18.54 8.22 -23.52
CA PHE D 263 -17.63 8.76 -24.52
C PHE D 263 -17.62 10.28 -24.50
N ARG D 264 -18.79 10.90 -24.34
CA ARG D 264 -18.85 12.35 -24.26
C ARG D 264 -18.11 12.86 -23.03
N ALA D 265 -18.30 12.20 -21.89
CA ALA D 265 -17.60 12.61 -20.67
C ALA D 265 -16.09 12.46 -20.81
N ALA D 266 -15.65 11.34 -21.38
CA ALA D 266 -14.22 11.11 -21.55
C ALA D 266 -13.61 12.12 -22.51
N ARG D 267 -14.30 12.41 -23.62
CA ARG D 267 -13.81 13.38 -24.58
C ARG D 267 -13.71 14.76 -23.96
N PHE D 268 -14.71 15.14 -23.15
CA PHE D 268 -14.66 16.41 -22.45
C PHE D 268 -13.48 16.48 -21.51
N ARG D 269 -13.27 15.42 -20.71
CA ARG D 269 -12.17 15.43 -19.75
C ARG D 269 -10.81 15.47 -20.46
N ILE D 270 -10.71 14.80 -21.62
CA ILE D 270 -9.45 14.80 -22.35
C ILE D 270 -9.18 16.16 -22.97
N ARG D 271 -10.18 16.77 -23.59
CA ARG D 271 -9.99 18.04 -24.27
C ARG D 271 -9.90 19.22 -23.30
N LYS D 272 -10.39 19.07 -22.06
CA LYS D 272 -10.33 20.17 -21.12
C LYS D 272 -8.89 20.52 -20.75
N THR D 273 -7.98 19.53 -20.83
CA THR D 273 -6.58 19.81 -20.53
C THR D 273 -5.97 20.80 -21.51
N VAL D 274 -6.29 20.66 -22.79
CA VAL D 274 -5.77 21.55 -23.82
C VAL D 274 -6.54 22.87 -23.82
N LYS D 368 10.28 24.98 -23.25
CA LYS D 368 9.63 26.02 -24.06
C LYS D 368 8.12 25.79 -24.10
N ASN D 369 7.37 26.88 -24.27
CA ASN D 369 5.91 26.78 -24.21
C ASN D 369 5.35 26.00 -25.39
N GLU D 370 5.87 26.23 -26.60
CA GLU D 370 5.32 25.55 -27.77
C GLU D 370 5.58 24.04 -27.72
N ARG D 371 6.76 23.62 -27.23
CA ARG D 371 7.03 22.20 -27.12
C ARG D 371 6.08 21.53 -26.12
N ASN D 372 5.84 22.19 -25.00
CA ASN D 372 4.90 21.64 -24.01
C ASN D 372 3.49 21.58 -24.58
N ALA D 373 3.07 22.62 -25.30
CA ALA D 373 1.73 22.61 -25.89
C ALA D 373 1.59 21.48 -26.91
N GLU D 374 2.61 21.27 -27.75
CA GLU D 374 2.57 20.19 -28.72
C GLU D 374 2.56 18.83 -28.04
N ALA D 375 3.35 18.67 -26.96
CA ALA D 375 3.33 17.40 -26.24
C ALA D 375 1.98 17.13 -25.61
N LYS D 376 1.35 18.17 -25.04
CA LYS D 376 0.01 17.99 -24.48
C LYS D 376 -1.00 17.64 -25.56
N ARG D 377 -0.89 18.26 -26.74
CA ARG D 377 -1.80 17.94 -27.82
C ARG D 377 -1.60 16.49 -28.31
N LYS D 378 -0.35 16.05 -28.40
CA LYS D 378 -0.08 14.67 -28.78
C LYS D 378 -0.64 13.69 -27.76
N MET D 379 -0.49 14.01 -26.47
CA MET D 379 -1.05 13.16 -25.42
C MET D 379 -2.58 13.12 -25.50
N ALA D 380 -3.20 14.27 -25.77
CA ALA D 380 -4.65 14.30 -25.90
C ALA D 380 -5.11 13.46 -27.09
N LEU D 381 -4.39 13.54 -28.21
CA LEU D 381 -4.73 12.72 -29.36
C LEU D 381 -4.57 11.23 -29.05
N ALA D 382 -3.51 10.88 -28.32
CA ALA D 382 -3.31 9.49 -27.94
C ALA D 382 -4.46 8.99 -27.05
N ARG D 383 -4.89 9.82 -26.10
CA ARG D 383 -6.00 9.42 -25.23
C ARG D 383 -7.30 9.29 -26.02
N GLU D 384 -7.54 10.19 -26.96
CA GLU D 384 -8.75 10.09 -27.79
C GLU D 384 -8.74 8.82 -28.61
N ARG D 385 -7.59 8.51 -29.23
CA ARG D 385 -7.50 7.27 -30.00
C ARG D 385 -7.67 6.04 -29.10
N LYS D 386 -7.14 6.10 -27.89
CA LYS D 386 -7.28 4.98 -26.97
C LYS D 386 -8.73 4.75 -26.57
N THR D 387 -9.46 5.84 -26.25
CA THR D 387 -10.85 5.66 -25.85
C THR D 387 -11.71 5.21 -27.02
N VAL D 388 -11.41 5.70 -28.23
CA VAL D 388 -12.12 5.24 -29.42
C VAL D 388 -11.88 3.75 -29.63
N LYS D 389 -10.63 3.30 -29.51
CA LYS D 389 -10.32 1.88 -29.66
C LYS D 389 -11.02 1.05 -28.59
N THR D 390 -11.04 1.53 -27.35
CA THR D 390 -11.66 0.78 -26.26
C THR D 390 -13.15 0.62 -26.49
N LEU D 391 -13.86 1.71 -26.77
CA LEU D 391 -15.29 1.60 -26.99
C LEU D 391 -15.61 0.84 -28.27
N GLY D 392 -14.76 0.96 -29.29
CA GLY D 392 -14.95 0.16 -30.49
C GLY D 392 -14.87 -1.32 -30.21
N ILE D 393 -13.85 -1.73 -29.44
CA ILE D 393 -13.73 -3.14 -29.08
C ILE D 393 -14.94 -3.60 -28.27
N ILE D 394 -15.30 -2.81 -27.25
CA ILE D 394 -16.37 -3.21 -26.35
C ILE D 394 -17.68 -3.40 -27.11
N MET D 395 -18.06 -2.41 -27.93
CA MET D 395 -19.34 -2.51 -28.62
C MET D 395 -19.27 -3.46 -29.81
N GLY D 396 -18.15 -3.50 -30.53
CA GLY D 396 -18.06 -4.34 -31.70
C GLY D 396 -18.06 -5.82 -31.37
N THR D 397 -17.40 -6.22 -30.28
CA THR D 397 -17.46 -7.61 -29.87
C THR D 397 -18.90 -8.04 -29.62
N PHE D 398 -19.61 -7.26 -28.81
CA PHE D 398 -20.99 -7.57 -28.46
C PHE D 398 -21.88 -7.61 -29.70
N ILE D 399 -21.72 -6.63 -30.59
CA ILE D 399 -22.57 -6.54 -31.77
C ILE D 399 -22.26 -7.67 -32.74
N LEU D 400 -21.01 -7.80 -33.17
CA LEU D 400 -20.66 -8.85 -34.11
C LEU D 400 -20.85 -10.25 -33.55
N CYS D 401 -21.00 -10.39 -32.23
CA CYS D 401 -21.34 -11.71 -31.69
C CYS D 401 -22.84 -11.96 -31.69
N TRP D 402 -23.63 -11.03 -31.16
CA TRP D 402 -25.04 -11.34 -30.89
C TRP D 402 -26.03 -10.73 -31.88
N LEU D 403 -25.66 -9.70 -32.64
CA LEU D 403 -26.62 -9.06 -33.53
C LEU D 403 -27.10 -9.97 -34.65
N PRO D 404 -26.25 -10.69 -35.38
CA PRO D 404 -26.80 -11.59 -36.42
C PRO D 404 -27.78 -12.61 -35.87
N PHE D 405 -27.48 -13.16 -34.69
CA PHE D 405 -28.36 -14.17 -34.11
C PHE D 405 -29.73 -13.59 -33.82
N PHE D 406 -29.79 -12.43 -33.18
CA PHE D 406 -31.09 -11.87 -32.80
C PHE D 406 -31.80 -11.25 -33.99
N ILE D 407 -31.07 -10.81 -35.01
CA ILE D 407 -31.70 -10.41 -36.26
C ILE D 407 -32.43 -11.60 -36.88
N VAL D 408 -31.75 -12.75 -36.94
CA VAL D 408 -32.40 -13.95 -37.48
C VAL D 408 -33.56 -14.37 -36.59
N ALA D 409 -33.37 -14.38 -35.28
CA ALA D 409 -34.41 -14.80 -34.35
C ALA D 409 -35.59 -13.85 -34.33
N LEU D 410 -35.42 -12.62 -34.81
CA LEU D 410 -36.53 -11.68 -34.89
C LEU D 410 -37.26 -11.77 -36.22
N VAL D 411 -36.52 -11.83 -37.33
CA VAL D 411 -37.19 -11.74 -38.63
C VAL D 411 -37.67 -13.11 -39.13
N LEU D 412 -36.97 -14.18 -38.77
CA LEU D 412 -37.34 -15.50 -39.26
C LEU D 412 -38.72 -15.97 -38.81
N PRO D 413 -39.11 -15.85 -37.53
CA PRO D 413 -40.44 -16.36 -37.13
C PRO D 413 -41.60 -15.68 -37.83
N PHE D 414 -41.42 -14.47 -38.36
CA PHE D 414 -42.53 -13.78 -39.01
C PHE D 414 -42.69 -14.17 -40.47
N CYS D 415 -41.58 -14.40 -41.18
CA CYS D 415 -41.63 -14.88 -42.56
C CYS D 415 -41.32 -16.37 -42.56
N GLU D 416 -42.36 -17.17 -42.28
CA GLU D 416 -42.17 -18.61 -42.15
C GLU D 416 -41.81 -19.25 -43.48
N SER D 417 -42.55 -18.90 -44.54
CA SER D 417 -42.34 -19.50 -45.86
C SER D 417 -41.54 -18.60 -46.81
N SER D 418 -41.62 -17.28 -46.64
CA SER D 418 -40.95 -16.39 -47.57
C SER D 418 -39.43 -16.56 -47.54
N CYS D 419 -38.86 -16.66 -46.34
CA CYS D 419 -37.42 -16.74 -46.18
C CYS D 419 -37.04 -18.05 -45.52
N HIS D 420 -36.03 -18.73 -46.07
CA HIS D 420 -35.47 -19.94 -45.50
C HIS D 420 -34.03 -19.69 -45.10
N MET D 421 -33.62 -20.28 -43.98
CA MET D 421 -32.28 -20.05 -43.44
C MET D 421 -31.39 -21.24 -43.76
N PRO D 422 -30.29 -21.06 -44.49
CA PRO D 422 -29.36 -22.17 -44.73
C PRO D 422 -28.82 -22.71 -43.42
N THR D 423 -28.63 -24.04 -43.38
CA THR D 423 -28.18 -24.70 -42.17
C THR D 423 -26.77 -24.28 -41.78
N LEU D 424 -25.86 -24.20 -42.76
CA LEU D 424 -24.49 -23.81 -42.46
C LEU D 424 -24.41 -22.39 -41.90
N LEU D 425 -25.12 -21.46 -42.54
CA LEU D 425 -25.15 -20.09 -42.06
C LEU D 425 -25.80 -19.98 -40.70
N GLY D 426 -26.89 -20.72 -40.47
CA GLY D 426 -27.50 -20.73 -39.16
C GLY D 426 -26.58 -21.23 -38.07
N ALA D 427 -25.83 -22.30 -38.36
CA ALA D 427 -24.87 -22.81 -37.40
C ALA D 427 -23.75 -21.80 -37.12
N ILE D 428 -23.24 -21.17 -38.18
CA ILE D 428 -22.21 -20.13 -37.99
C ILE D 428 -22.75 -19.02 -37.11
N ILE D 429 -24.00 -18.62 -37.33
CA ILE D 429 -24.60 -17.53 -36.56
C ILE D 429 -24.77 -17.94 -35.10
N ASN D 430 -25.26 -19.16 -34.86
CA ASN D 430 -25.46 -19.64 -33.50
C ASN D 430 -24.14 -19.67 -32.73
N TRP D 431 -23.09 -20.19 -33.36
CA TRP D 431 -21.82 -20.30 -32.64
C TRP D 431 -21.09 -18.96 -32.57
N LEU D 432 -21.36 -18.06 -33.50
CA LEU D 432 -20.88 -16.68 -33.38
C LEU D 432 -21.50 -16.02 -32.16
N GLY D 433 -22.79 -16.25 -31.93
CA GLY D 433 -23.41 -15.77 -30.72
C GLY D 433 -22.82 -16.41 -29.48
N TYR D 434 -22.55 -17.71 -29.54
CA TYR D 434 -22.01 -18.42 -28.38
C TYR D 434 -20.57 -18.03 -28.07
N SER D 435 -19.82 -17.52 -29.05
CA SER D 435 -18.44 -17.13 -28.81
C SER D 435 -18.31 -15.89 -27.93
N ASN D 436 -19.42 -15.22 -27.63
CA ASN D 436 -19.36 -14.05 -26.75
C ASN D 436 -18.95 -14.45 -25.33
N SER D 437 -19.41 -15.61 -24.86
CA SER D 437 -18.99 -16.08 -23.55
C SER D 437 -17.52 -16.46 -23.53
N LEU D 438 -16.90 -16.67 -24.69
CA LEU D 438 -15.47 -16.90 -24.74
C LEU D 438 -14.71 -15.58 -24.84
N LEU D 439 -15.26 -14.60 -25.53
CA LEU D 439 -14.56 -13.33 -25.74
C LEU D 439 -14.72 -12.36 -24.58
N ASN D 440 -15.79 -12.46 -23.79
CA ASN D 440 -15.97 -11.56 -22.66
C ASN D 440 -14.82 -11.60 -21.65
N PRO D 441 -14.27 -12.76 -21.26
CA PRO D 441 -13.11 -12.72 -20.37
C PRO D 441 -11.94 -11.94 -20.95
N VAL D 442 -11.65 -12.11 -22.24
CA VAL D 442 -10.54 -11.38 -22.84
C VAL D 442 -10.80 -9.88 -22.78
N ILE D 443 -12.04 -9.47 -23.02
CA ILE D 443 -12.36 -8.05 -23.06
C ILE D 443 -12.29 -7.43 -21.66
N TYR D 444 -12.78 -8.14 -20.65
CA TYR D 444 -13.03 -7.51 -19.37
C TYR D 444 -11.98 -7.83 -18.30
N ALA D 445 -11.29 -8.97 -18.37
CA ALA D 445 -10.35 -9.35 -17.31
C ALA D 445 -9.07 -9.97 -17.86
N TYR D 446 -8.72 -9.69 -19.12
CA TYR D 446 -7.42 -10.10 -19.65
C TYR D 446 -6.73 -8.92 -20.28
N PHE D 447 -7.50 -7.95 -20.76
CA PHE D 447 -6.95 -6.68 -21.19
C PHE D 447 -6.75 -5.72 -20.02
N ASN D 448 -7.24 -6.05 -18.84
CA ASN D 448 -7.11 -5.17 -17.69
C ASN D 448 -5.74 -5.32 -17.03
N LYS D 449 -5.14 -4.18 -16.71
CA LYS D 449 -3.78 -4.17 -16.16
C LYS D 449 -3.73 -4.87 -14.80
N ASP D 450 -4.72 -4.64 -13.94
CA ASP D 450 -4.74 -5.31 -12.65
C ASP D 450 -4.81 -6.82 -12.81
N PHE D 451 -5.63 -7.31 -13.74
CA PHE D 451 -5.72 -8.75 -13.96
C PHE D 451 -4.43 -9.30 -14.54
N GLN D 452 -3.80 -8.57 -15.47
CA GLN D 452 -2.52 -9.04 -16.01
C GLN D 452 -1.47 -9.14 -14.92
N ASN D 453 -1.39 -8.13 -14.06
CA ASN D 453 -0.43 -8.16 -12.96
C ASN D 453 -0.73 -9.30 -11.99
N ALA D 454 -2.02 -9.53 -11.71
CA ALA D 454 -2.39 -10.62 -10.82
C ALA D 454 -2.02 -11.96 -11.40
N PHE D 455 -2.22 -12.14 -12.71
CA PHE D 455 -1.82 -13.38 -13.37
C PHE D 455 -0.31 -13.55 -13.31
N LYS D 456 0.45 -12.49 -13.58
CA LYS D 456 1.91 -12.59 -13.51
C LYS D 456 2.38 -12.95 -12.11
N LYS D 457 1.75 -12.36 -11.08
CA LYS D 457 2.12 -12.67 -9.71
C LYS D 457 1.78 -14.11 -9.34
N ILE D 458 0.59 -14.58 -9.72
CA ILE D 458 0.19 -15.94 -9.34
C ILE D 458 0.98 -16.97 -10.14
N ILE D 459 1.51 -16.59 -11.30
CA ILE D 459 2.33 -17.51 -12.08
C ILE D 459 3.80 -17.30 -11.78
#